data_1CX5
# 
_entry.id   1CX5 
# 
_audit_conform.dict_name       mmcif_pdbx.dic 
_audit_conform.dict_version    5.392 
_audit_conform.dict_location   http://mmcif.pdb.org/dictionaries/ascii/mmcif_pdbx.dic 
# 
loop_
_database_2.database_id 
_database_2.database_code 
_database_2.pdbx_database_accession 
_database_2.pdbx_DOI 
PDB   1CX5         pdb_00001cx5 10.2210/pdb1cx5/pdb 
RCSB  RCSB009601   ?            ?                   
WWPDB D_1000009601 ?            ?                   
# 
loop_
_pdbx_audit_revision_history.ordinal 
_pdbx_audit_revision_history.data_content_type 
_pdbx_audit_revision_history.major_revision 
_pdbx_audit_revision_history.minor_revision 
_pdbx_audit_revision_history.revision_date 
1 'Structure model' 1 0 1999-09-14 
2 'Structure model' 1 1 2008-04-27 
3 'Structure model' 1 2 2011-07-13 
4 'Structure model' 1 3 2022-02-16 
5 'Structure model' 1 4 2024-05-22 
# 
_pdbx_audit_revision_details.ordinal             1 
_pdbx_audit_revision_details.revision_ordinal    1 
_pdbx_audit_revision_details.data_content_type   'Structure model' 
_pdbx_audit_revision_details.provider            repository 
_pdbx_audit_revision_details.type                'Initial release' 
_pdbx_audit_revision_details.description         ? 
_pdbx_audit_revision_details.details             ? 
# 
loop_
_pdbx_audit_revision_group.ordinal 
_pdbx_audit_revision_group.revision_ordinal 
_pdbx_audit_revision_group.data_content_type 
_pdbx_audit_revision_group.group 
1 2 'Structure model' 'Version format compliance' 
2 3 'Structure model' 'Version format compliance' 
3 4 'Structure model' 'Data collection'           
4 4 'Structure model' 'Database references'       
5 4 'Structure model' 'Derived calculations'      
6 5 'Structure model' 'Data collection'           
# 
loop_
_pdbx_audit_revision_category.ordinal 
_pdbx_audit_revision_category.revision_ordinal 
_pdbx_audit_revision_category.data_content_type 
_pdbx_audit_revision_category.category 
1 4 'Structure model' database_2            
2 4 'Structure model' pdbx_nmr_software     
3 4 'Structure model' pdbx_struct_assembly  
4 4 'Structure model' pdbx_struct_oper_list 
5 4 'Structure model' struct_conn           
6 5 'Structure model' chem_comp_atom        
7 5 'Structure model' chem_comp_bond        
# 
loop_
_pdbx_audit_revision_item.ordinal 
_pdbx_audit_revision_item.revision_ordinal 
_pdbx_audit_revision_item.data_content_type 
_pdbx_audit_revision_item.item 
1 4 'Structure model' '_database_2.pdbx_DOI'                
2 4 'Structure model' '_database_2.pdbx_database_accession' 
3 4 'Structure model' '_pdbx_nmr_software.name'             
4 4 'Structure model' '_struct_conn.pdbx_leaving_atom_flag' 
# 
_pdbx_database_status.status_code                     REL 
_pdbx_database_status.entry_id                        1CX5 
_pdbx_database_status.recvd_initial_deposition_date   1999-08-28 
_pdbx_database_status.deposit_site                    RCSB 
_pdbx_database_status.process_site                    RCSB 
_pdbx_database_status.SG_entry                        . 
_pdbx_database_status.pdb_format_compatible           Y 
_pdbx_database_status.status_code_mr                  ? 
_pdbx_database_status.status_code_sf                  ? 
_pdbx_database_status.status_code_cs                  ? 
_pdbx_database_status.status_code_nmr_data            ? 
_pdbx_database_status.methods_development_category    ? 
# 
loop_
_audit_author.name 
_audit_author.pdbx_ordinal 
'Yang, X.'    1 
'Han, X.'     2 
'Cross, C.'   3 
'Sanghvi, Y.' 4 
'Gao, X.'     5 
# 
_citation.id                        primary 
_citation.title                     
;NMR structure of an antisense DNA.RNA hybrid duplex containing a 3'-CH(2)N(CH(3))-O-5' or an MMI backbone linker.
;
_citation.journal_abbrev            Biochemistry 
_citation.journal_volume            38 
_citation.page_first                12586 
_citation.page_last                 12596 
_citation.year                      1999 
_citation.journal_id_ASTM           BICHAW 
_citation.country                   US 
_citation.journal_id_ISSN           0006-2960 
_citation.journal_id_CSD            0033 
_citation.book_publisher            ? 
_citation.pdbx_database_id_PubMed   10504227 
_citation.pdbx_database_id_DOI      10.1021/bi990456x 
# 
loop_
_citation_author.citation_id 
_citation_author.name 
_citation_author.ordinal 
_citation_author.identifier_ORCID 
primary 'Yang, X.'    1 ? 
primary 'Han, X.'     2 ? 
primary 'Cross, C.'   3 ? 
primary 'Bare, S.'    4 ? 
primary 'Sanghvi, Y.' 5 ? 
primary 'Gao, X.'     6 ? 
# 
loop_
_entity.id 
_entity.type 
_entity.src_method 
_entity.pdbx_description 
_entity.formula_weight 
_entity.pdbx_number_of_molecules 
_entity.pdbx_ec 
_entity.pdbx_mutation 
_entity.pdbx_fragment 
_entity.details 
1 polymer syn "5'-D(*CP*GP*CP*GP*TP*T*(MMT)P*TP*GP*CP*GP*C)" 3608.452 1 ? ? ? 
'C3* OF THYMINE T 6 A BINDS DIRECTLY TO CO3* OF MMT; O3* OF T 6 A IS MISSING' 
2 polymer syn "5'-R(*GP*CP*GP*CP*AP*AP*AP*AP*CP*GP*CP*G)"    3873.416 1 ? ? ? ? 
# 
loop_
_entity_poly.entity_id 
_entity_poly.type 
_entity_poly.nstd_linkage 
_entity_poly.nstd_monomer 
_entity_poly.pdbx_seq_one_letter_code 
_entity_poly.pdbx_seq_one_letter_code_can 
_entity_poly.pdbx_strand_id 
_entity_poly.pdbx_target_identifier 
1 polydeoxyribonucleotide no yes '(DC)(DG)(DC)(DG)(DT)(DT)(MMT)(DT)(DG)(DC)(DG)(DC)' CGCGTTTTGCGC A ? 
2 polyribonucleotide      no no  GCGCAAAACGCG                                        GCGCAAAACGCG B ? 
# 
loop_
_entity_poly_seq.entity_id 
_entity_poly_seq.num 
_entity_poly_seq.mon_id 
_entity_poly_seq.hetero 
1 1  DC  n 
1 2  DG  n 
1 3  DC  n 
1 4  DG  n 
1 5  DT  n 
1 6  DT  n 
1 7  MMT n 
1 8  DT  n 
1 9  DG  n 
1 10 DC  n 
1 11 DG  n 
1 12 DC  n 
2 1  G   n 
2 2  C   n 
2 3  G   n 
2 4  C   n 
2 5  A   n 
2 6  A   n 
2 7  A   n 
2 8  A   n 
2 9  C   n 
2 10 G   n 
2 11 C   n 
2 12 G   n 
# 
loop_
_chem_comp.id 
_chem_comp.type 
_chem_comp.mon_nstd_flag 
_chem_comp.name 
_chem_comp.pdbx_synonyms 
_chem_comp.formula 
_chem_comp.formula_weight 
A   'RNA linking' y "ADENOSINE-5'-MONOPHOSPHATE"         ? 'C10 H14 N5 O7 P' 347.221 
C   'RNA linking' y "CYTIDINE-5'-MONOPHOSPHATE"          ? 'C9 H14 N3 O8 P'  323.197 
DC  'DNA linking' y "2'-DEOXYCYTIDINE-5'-MONOPHOSPHATE"  ? 'C9 H14 N3 O7 P'  307.197 
DG  'DNA linking' y "2'-DEOXYGUANOSINE-5'-MONOPHOSPHATE" ? 'C10 H14 N5 O7 P' 347.221 
DT  'DNA linking' y "THYMIDINE-5'-MONOPHOSPHATE"         ? 'C10 H15 N2 O8 P' 322.208 
G   'RNA linking' y "GUANOSINE-5'-MONOPHOSPHATE"         ? 'C10 H14 N5 O8 P' 363.221 
MMT 'DNA linking' n "5'-O-(DIMETHYLAMINO)-THYMIDINE"     ? 'C12 H19 N3 O5'   285.296 
# 
loop_
_pdbx_poly_seq_scheme.asym_id 
_pdbx_poly_seq_scheme.entity_id 
_pdbx_poly_seq_scheme.seq_id 
_pdbx_poly_seq_scheme.mon_id 
_pdbx_poly_seq_scheme.ndb_seq_num 
_pdbx_poly_seq_scheme.pdb_seq_num 
_pdbx_poly_seq_scheme.auth_seq_num 
_pdbx_poly_seq_scheme.pdb_mon_id 
_pdbx_poly_seq_scheme.auth_mon_id 
_pdbx_poly_seq_scheme.pdb_strand_id 
_pdbx_poly_seq_scheme.pdb_ins_code 
_pdbx_poly_seq_scheme.hetero 
A 1 1  DC  1  1   1   DC  C   A . n 
A 1 2  DG  2  2   2   DG  G   A . n 
A 1 3  DC  3  3   3   DC  C   A . n 
A 1 4  DG  4  4   4   DG  G   A . n 
A 1 5  DT  5  5   5   DT  T   A . n 
A 1 6  DT  6  6   6   DT  T   A . n 
A 1 7  MMT 7  7   7   MMT MMT A . n 
A 1 8  DT  8  8   8   DT  T   A . n 
A 1 9  DG  9  9   9   DG  G   A . n 
A 1 10 DC  10 10  10  DC  C   A . n 
A 1 11 DG  11 11  11  DG  G   A . n 
A 1 12 DC  12 12  12  DC  C   A . n 
B 2 1  G   1  101 101 G   G   B . n 
B 2 2  C   2  102 102 C   C   B . n 
B 2 3  G   3  103 103 G   G   B . n 
B 2 4  C   4  104 104 C   C   B . n 
B 2 5  A   5  105 105 A   A   B . n 
B 2 6  A   6  106 106 A   A   B . n 
B 2 7  A   7  107 107 A   A   B . n 
B 2 8  A   8  108 108 A   A   B . n 
B 2 9  C   9  109 109 C   C   B . n 
B 2 10 G   10 110 110 G   G   B . n 
B 2 11 C   11 111 111 C   C   B . n 
B 2 12 G   12 112 112 G   G   B . n 
# 
_cell.entry_id           1CX5 
_cell.length_a           1.000 
_cell.length_b           1.000 
_cell.length_c           1.000 
_cell.angle_alpha        90.00 
_cell.angle_beta         90.00 
_cell.angle_gamma        90.00 
_cell.Z_PDB              1 
_cell.pdbx_unique_axis   ? 
# 
_symmetry.entry_id                         1CX5 
_symmetry.space_group_name_H-M             'P 1' 
_symmetry.pdbx_full_space_group_name_H-M   ? 
_symmetry.cell_setting                     ? 
_symmetry.Int_Tables_number                1 
# 
_exptl.entry_id          1CX5 
_exptl.method            'SOLUTION NMR' 
_exptl.crystals_number   ? 
# 
_struct.entry_id                  1CX5 
_struct.title                     'ANTISENSE DNA/RNA HYBRID CONTAINING MODIFIED BACKBONE' 
_struct.pdbx_model_details        ? 
_struct.pdbx_CASP_flag            ? 
_struct.pdbx_model_type_details   ? 
# 
_struct_keywords.entry_id        1CX5 
_struct_keywords.pdbx_keywords   'DNA-RNA HYBRID' 
_struct_keywords.text            'ANTISENSE, DNA/RNA HYBRID, MODIFIED BACKBONE LINKER, DNA-RNA HYBRID' 
# 
loop_
_struct_asym.id 
_struct_asym.pdbx_blank_PDB_chainid_flag 
_struct_asym.pdbx_modified 
_struct_asym.entity_id 
_struct_asym.details 
A N N 1 ? 
B N N 2 ? 
# 
loop_
_struct_ref.id 
_struct_ref.entity_id 
_struct_ref.db_name 
_struct_ref.db_code 
_struct_ref.pdbx_db_accession 
_struct_ref.pdbx_db_isoform 
_struct_ref.pdbx_seq_one_letter_code 
_struct_ref.pdbx_align_begin 
1 1 PDB 1CX5 1CX5 ? ? ? 
2 2 PDB 1CX5 1CX5 ? ? ? 
# 
loop_
_struct_ref_seq.align_id 
_struct_ref_seq.ref_id 
_struct_ref_seq.pdbx_PDB_id_code 
_struct_ref_seq.pdbx_strand_id 
_struct_ref_seq.seq_align_beg 
_struct_ref_seq.pdbx_seq_align_beg_ins_code 
_struct_ref_seq.seq_align_end 
_struct_ref_seq.pdbx_seq_align_end_ins_code 
_struct_ref_seq.pdbx_db_accession 
_struct_ref_seq.db_align_beg 
_struct_ref_seq.pdbx_db_align_beg_ins_code 
_struct_ref_seq.db_align_end 
_struct_ref_seq.pdbx_db_align_end_ins_code 
_struct_ref_seq.pdbx_auth_seq_align_beg 
_struct_ref_seq.pdbx_auth_seq_align_end 
1 1 1CX5 A 1 ? 12 ? 1CX5 1   ? 12  ? 1   12  
2 2 1CX5 B 1 ? 12 ? 1CX5 101 ? 112 ? 101 112 
# 
_pdbx_struct_assembly.id                   1 
_pdbx_struct_assembly.details              author_defined_assembly 
_pdbx_struct_assembly.method_details       ? 
_pdbx_struct_assembly.oligomeric_details   dimeric 
_pdbx_struct_assembly.oligomeric_count     2 
# 
_pdbx_struct_assembly_gen.assembly_id       1 
_pdbx_struct_assembly_gen.oper_expression   1 
_pdbx_struct_assembly_gen.asym_id_list      A,B 
# 
_pdbx_struct_oper_list.id                   1 
_pdbx_struct_oper_list.type                 'identity operation' 
_pdbx_struct_oper_list.name                 1_555 
_pdbx_struct_oper_list.symmetry_operation   x,y,z 
_pdbx_struct_oper_list.matrix[1][1]         1.0000000000 
_pdbx_struct_oper_list.matrix[1][2]         0.0000000000 
_pdbx_struct_oper_list.matrix[1][3]         0.0000000000 
_pdbx_struct_oper_list.vector[1]            0.0000000000 
_pdbx_struct_oper_list.matrix[2][1]         0.0000000000 
_pdbx_struct_oper_list.matrix[2][2]         1.0000000000 
_pdbx_struct_oper_list.matrix[2][3]         0.0000000000 
_pdbx_struct_oper_list.vector[2]            0.0000000000 
_pdbx_struct_oper_list.matrix[3][1]         0.0000000000 
_pdbx_struct_oper_list.matrix[3][2]         0.0000000000 
_pdbx_struct_oper_list.matrix[3][3]         1.0000000000 
_pdbx_struct_oper_list.vector[3]            0.0000000000 
# 
_struct_biol.id   1 
# 
loop_
_struct_conn.id 
_struct_conn.conn_type_id 
_struct_conn.pdbx_leaving_atom_flag 
_struct_conn.pdbx_PDB_id 
_struct_conn.ptnr1_label_asym_id 
_struct_conn.ptnr1_label_comp_id 
_struct_conn.ptnr1_label_seq_id 
_struct_conn.ptnr1_label_atom_id 
_struct_conn.pdbx_ptnr1_label_alt_id 
_struct_conn.pdbx_ptnr1_PDB_ins_code 
_struct_conn.pdbx_ptnr1_standard_comp_id 
_struct_conn.ptnr1_symmetry 
_struct_conn.ptnr2_label_asym_id 
_struct_conn.ptnr2_label_comp_id 
_struct_conn.ptnr2_label_seq_id 
_struct_conn.ptnr2_label_atom_id 
_struct_conn.pdbx_ptnr2_label_alt_id 
_struct_conn.pdbx_ptnr2_PDB_ins_code 
_struct_conn.ptnr1_auth_asym_id 
_struct_conn.ptnr1_auth_comp_id 
_struct_conn.ptnr1_auth_seq_id 
_struct_conn.ptnr2_auth_asym_id 
_struct_conn.ptnr2_auth_comp_id 
_struct_conn.ptnr2_auth_seq_id 
_struct_conn.ptnr2_symmetry 
_struct_conn.pdbx_ptnr3_label_atom_id 
_struct_conn.pdbx_ptnr3_label_seq_id 
_struct_conn.pdbx_ptnr3_label_comp_id 
_struct_conn.pdbx_ptnr3_label_asym_id 
_struct_conn.pdbx_ptnr3_label_alt_id 
_struct_conn.pdbx_ptnr3_PDB_ins_code 
_struct_conn.details 
_struct_conn.pdbx_dist_value 
_struct_conn.pdbx_value_order 
_struct_conn.pdbx_role 
covale1  covale none ? A DT  6  "C3'" ? ? ? 1_555 A MMT 7  C3X ? ? A DT  6  A MMT 7   1_555 ? ? ? ? ? ? ?            1.526 ? ? 
covale2  covale both ? A MMT 7  "O3'" ? ? ? 1_555 A DT  8  P   ? ? A MMT 7  A DT  8   1_555 ? ? ? ? ? ? ?            1.610 ? ? 
hydrog1  hydrog ?    ? A DC  1  N3    ? ? ? 1_555 B G   12 N1  ? ? A DC  1  B G   112 1_555 ? ? ? ? ? ? WATSON-CRICK ?     ? ? 
hydrog2  hydrog ?    ? A DC  1  N4    ? ? ? 1_555 B G   12 O6  ? ? A DC  1  B G   112 1_555 ? ? ? ? ? ? WATSON-CRICK ?     ? ? 
hydrog3  hydrog ?    ? A DC  1  O2    ? ? ? 1_555 B G   12 N2  ? ? A DC  1  B G   112 1_555 ? ? ? ? ? ? WATSON-CRICK ?     ? ? 
hydrog4  hydrog ?    ? A DG  2  N1    ? ? ? 1_555 B C   11 N3  ? ? A DG  2  B C   111 1_555 ? ? ? ? ? ? WATSON-CRICK ?     ? ? 
hydrog5  hydrog ?    ? A DG  2  N2    ? ? ? 1_555 B C   11 O2  ? ? A DG  2  B C   111 1_555 ? ? ? ? ? ? WATSON-CRICK ?     ? ? 
hydrog6  hydrog ?    ? A DG  2  O6    ? ? ? 1_555 B C   11 N4  ? ? A DG  2  B C   111 1_555 ? ? ? ? ? ? WATSON-CRICK ?     ? ? 
hydrog7  hydrog ?    ? A DC  3  N3    ? ? ? 1_555 B G   10 N1  ? ? A DC  3  B G   110 1_555 ? ? ? ? ? ? WATSON-CRICK ?     ? ? 
hydrog8  hydrog ?    ? A DC  3  N4    ? ? ? 1_555 B G   10 O6  ? ? A DC  3  B G   110 1_555 ? ? ? ? ? ? WATSON-CRICK ?     ? ? 
hydrog9  hydrog ?    ? A DC  3  O2    ? ? ? 1_555 B G   10 N2  ? ? A DC  3  B G   110 1_555 ? ? ? ? ? ? WATSON-CRICK ?     ? ? 
hydrog10 hydrog ?    ? A DG  4  N1    ? ? ? 1_555 B C   9  N3  ? ? A DG  4  B C   109 1_555 ? ? ? ? ? ? WATSON-CRICK ?     ? ? 
hydrog11 hydrog ?    ? A DG  4  N2    ? ? ? 1_555 B C   9  O2  ? ? A DG  4  B C   109 1_555 ? ? ? ? ? ? WATSON-CRICK ?     ? ? 
hydrog12 hydrog ?    ? A DG  4  O6    ? ? ? 1_555 B C   9  N4  ? ? A DG  4  B C   109 1_555 ? ? ? ? ? ? WATSON-CRICK ?     ? ? 
hydrog13 hydrog ?    ? A DT  5  N3    ? ? ? 1_555 B A   8  N1  ? ? A DT  5  B A   108 1_555 ? ? ? ? ? ? WATSON-CRICK ?     ? ? 
hydrog14 hydrog ?    ? A DT  5  O4    ? ? ? 1_555 B A   8  N6  ? ? A DT  5  B A   108 1_555 ? ? ? ? ? ? WATSON-CRICK ?     ? ? 
hydrog15 hydrog ?    ? A DT  6  N3    ? ? ? 1_555 B A   7  N1  ? ? A DT  6  B A   107 1_555 ? ? ? ? ? ? WATSON-CRICK ?     ? ? 
hydrog16 hydrog ?    ? A DT  6  O4    ? ? ? 1_555 B A   7  N6  ? ? A DT  6  B A   107 1_555 ? ? ? ? ? ? WATSON-CRICK ?     ? ? 
hydrog17 hydrog ?    ? A MMT 7  N3    ? ? ? 1_555 B A   6  N1  ? ? A MMT 7  B A   106 1_555 ? ? ? ? ? ? WATSON-CRICK ?     ? ? 
hydrog18 hydrog ?    ? A MMT 7  O4    ? ? ? 1_555 B A   6  N6  ? ? A MMT 7  B A   106 1_555 ? ? ? ? ? ? WATSON-CRICK ?     ? ? 
hydrog19 hydrog ?    ? A MMT 7  N3    ? ? ? 1_555 B A   7  N1  ? ? A MMT 7  B A   107 1_555 ? ? ? ? ? ? 'MMT-A PAIR' ?     ? ? 
hydrog20 hydrog ?    ? A DT  8  N3    ? ? ? 1_555 B A   5  N1  ? ? A DT  8  B A   105 1_555 ? ? ? ? ? ? WATSON-CRICK ?     ? ? 
hydrog21 hydrog ?    ? A DT  8  O4    ? ? ? 1_555 B A   5  N6  ? ? A DT  8  B A   105 1_555 ? ? ? ? ? ? WATSON-CRICK ?     ? ? 
hydrog22 hydrog ?    ? A DG  9  N1    ? ? ? 1_555 B C   4  N3  ? ? A DG  9  B C   104 1_555 ? ? ? ? ? ? WATSON-CRICK ?     ? ? 
hydrog23 hydrog ?    ? A DG  9  N2    ? ? ? 1_555 B C   4  O2  ? ? A DG  9  B C   104 1_555 ? ? ? ? ? ? WATSON-CRICK ?     ? ? 
hydrog24 hydrog ?    ? A DG  9  O6    ? ? ? 1_555 B C   4  N4  ? ? A DG  9  B C   104 1_555 ? ? ? ? ? ? WATSON-CRICK ?     ? ? 
hydrog25 hydrog ?    ? A DC  10 N3    ? ? ? 1_555 B G   3  N1  ? ? A DC  10 B G   103 1_555 ? ? ? ? ? ? WATSON-CRICK ?     ? ? 
hydrog26 hydrog ?    ? A DC  10 N4    ? ? ? 1_555 B G   3  O6  ? ? A DC  10 B G   103 1_555 ? ? ? ? ? ? WATSON-CRICK ?     ? ? 
hydrog27 hydrog ?    ? A DC  10 O2    ? ? ? 1_555 B G   3  N2  ? ? A DC  10 B G   103 1_555 ? ? ? ? ? ? WATSON-CRICK ?     ? ? 
hydrog28 hydrog ?    ? A DG  11 N1    ? ? ? 1_555 B C   2  N3  ? ? A DG  11 B C   102 1_555 ? ? ? ? ? ? WATSON-CRICK ?     ? ? 
hydrog29 hydrog ?    ? A DG  11 N2    ? ? ? 1_555 B C   2  O2  ? ? A DG  11 B C   102 1_555 ? ? ? ? ? ? WATSON-CRICK ?     ? ? 
hydrog30 hydrog ?    ? A DG  11 O6    ? ? ? 1_555 B C   2  N4  ? ? A DG  11 B C   102 1_555 ? ? ? ? ? ? WATSON-CRICK ?     ? ? 
hydrog31 hydrog ?    ? A DC  12 N3    ? ? ? 1_555 B G   1  N1  ? ? A DC  12 B G   101 1_555 ? ? ? ? ? ? WATSON-CRICK ?     ? ? 
hydrog32 hydrog ?    ? A DC  12 N4    ? ? ? 1_555 B G   1  O6  ? ? A DC  12 B G   101 1_555 ? ? ? ? ? ? WATSON-CRICK ?     ? ? 
hydrog33 hydrog ?    ? A DC  12 O2    ? ? ? 1_555 B G   1  N2  ? ? A DC  12 B G   101 1_555 ? ? ? ? ? ? WATSON-CRICK ?     ? ? 
# 
loop_
_struct_conn_type.id 
_struct_conn_type.criteria 
_struct_conn_type.reference 
covale ? ? 
hydrog ? ? 
# 
loop_
_pdbx_validate_rmsd_angle.id 
_pdbx_validate_rmsd_angle.PDB_model_num 
_pdbx_validate_rmsd_angle.auth_atom_id_1 
_pdbx_validate_rmsd_angle.auth_asym_id_1 
_pdbx_validate_rmsd_angle.auth_comp_id_1 
_pdbx_validate_rmsd_angle.auth_seq_id_1 
_pdbx_validate_rmsd_angle.PDB_ins_code_1 
_pdbx_validate_rmsd_angle.label_alt_id_1 
_pdbx_validate_rmsd_angle.auth_atom_id_2 
_pdbx_validate_rmsd_angle.auth_asym_id_2 
_pdbx_validate_rmsd_angle.auth_comp_id_2 
_pdbx_validate_rmsd_angle.auth_seq_id_2 
_pdbx_validate_rmsd_angle.PDB_ins_code_2 
_pdbx_validate_rmsd_angle.label_alt_id_2 
_pdbx_validate_rmsd_angle.auth_atom_id_3 
_pdbx_validate_rmsd_angle.auth_asym_id_3 
_pdbx_validate_rmsd_angle.auth_comp_id_3 
_pdbx_validate_rmsd_angle.auth_seq_id_3 
_pdbx_validate_rmsd_angle.PDB_ins_code_3 
_pdbx_validate_rmsd_angle.label_alt_id_3 
_pdbx_validate_rmsd_angle.angle_value 
_pdbx_validate_rmsd_angle.angle_target_value 
_pdbx_validate_rmsd_angle.angle_deviation 
_pdbx_validate_rmsd_angle.angle_standard_deviation 
_pdbx_validate_rmsd_angle.linker_flag 
1  1 "O4'" A DC 1   ? ? "C1'" A DC 1   ? ? N1    A DC 1   ? ? 113.30 108.30 5.00   0.30 N 
2  1 C2    A DC 1   ? ? N3    A DC 1   ? ? C4    A DC 1   ? ? 116.48 119.90 -3.42  0.50 N 
3  1 N3    A DC 1   ? ? C2    A DC 1   ? ? O2    A DC 1   ? ? 117.18 121.90 -4.72  0.70 N 
4  1 C6    A DG 2   ? ? N1    A DG 2   ? ? C2    A DG 2   ? ? 121.22 125.10 -3.88  0.60 N 
5  1 C5    A DG 2   ? ? C6    A DG 2   ? ? N1    A DG 2   ? ? 115.73 111.50 4.23   0.50 N 
6  1 N1    A DG 2   ? ? C6    A DG 2   ? ? O6    A DG 2   ? ? 115.07 119.90 -4.83  0.60 N 
7  1 "O4'" A DC 3   ? ? "C1'" A DC 3   ? ? "C2'" A DC 3   ? ? 99.60  105.90 -6.30  0.80 N 
8  1 "O4'" A DC 3   ? ? "C1'" A DC 3   ? ? N1    A DC 3   ? ? 114.48 108.30 6.18   0.30 N 
9  1 C2    A DC 3   ? ? N3    A DC 3   ? ? C4    A DC 3   ? ? 116.04 119.90 -3.86  0.50 N 
10 1 N3    A DC 3   ? ? C2    A DC 3   ? ? O2    A DC 3   ? ? 115.67 121.90 -6.23  0.70 N 
11 1 "O4'" A DG 4   ? ? "C1'" A DG 4   ? ? N9    A DG 4   ? ? 113.37 108.30 5.07   0.30 N 
12 1 C6    A DG 4   ? ? N1    A DG 4   ? ? C2    A DG 4   ? ? 121.34 125.10 -3.76  0.60 N 
13 1 C5    A DG 4   ? ? C6    A DG 4   ? ? N1    A DG 4   ? ? 115.58 111.50 4.08   0.50 N 
14 1 N1    A DG 4   ? ? C6    A DG 4   ? ? O6    A DG 4   ? ? 114.92 119.90 -4.98  0.60 N 
15 1 "C4'" A DT 5   ? ? "C3'" A DT 5   ? ? "C2'" A DT 5   ? ? 95.35  102.20 -6.85  0.70 N 
16 1 "C3'" A DT 5   ? ? "C2'" A DT 5   ? ? "C1'" A DT 5   ? ? 111.63 102.50 9.13   1.20 N 
17 1 "O4'" A DT 5   ? ? "C1'" A DT 5   ? ? N1    A DT 5   ? ? 111.80 108.30 3.50   0.30 N 
18 1 C2    A DT 5   ? ? N3    A DT 5   ? ? C4    A DT 5   ? ? 122.05 127.20 -5.15  0.60 N 
19 1 N3    A DT 5   ? ? C2    A DT 5   ? ? O2    A DT 5   ? ? 118.18 122.30 -4.12  0.60 N 
20 1 N3    A DT 5   ? ? C4    A DT 5   ? ? O4    A DT 5   ? ? 115.08 119.90 -4.82  0.60 N 
21 1 C4    A DT 5   ? ? C5    A DT 5   ? ? C7    A DT 5   ? ? 122.75 119.00 3.75   0.60 N 
22 1 C6    A DT 5   ? ? C5    A DT 5   ? ? C7    A DT 5   ? ? 117.64 122.90 -5.26  0.60 N 
23 1 "O4'" A DT 6   ? ? "C4'" A DT 6   ? ? "C3'" A DT 6   ? ? 114.08 106.00 8.08   0.60 N 
24 1 "C4'" A DT 6   ? ? "C3'" A DT 6   ? ? "C2'" A DT 6   ? ? 91.93  102.20 -10.27 0.70 N 
25 1 "C3'" A DT 6   ? ? "C2'" A DT 6   ? ? "C1'" A DT 6   ? ? 112.63 102.50 10.13  1.20 N 
26 1 "O4'" A DT 6   ? ? "C1'" A DT 6   ? ? N1    A DT 6   ? ? 110.53 108.30 2.23   0.30 N 
27 1 C6    A DT 6   ? ? N1    A DT 6   ? ? C2    A DT 6   ? ? 118.08 121.30 -3.22  0.50 N 
28 1 N1    A DT 6   ? ? C2    A DT 6   ? ? N3    A DT 6   ? ? 118.32 114.60 3.72   0.60 N 
29 1 C2    A DT 6   ? ? N3    A DT 6   ? ? C4    A DT 6   ? ? 120.93 127.20 -6.27  0.60 N 
30 1 N3    A DT 6   ? ? C2    A DT 6   ? ? O2    A DT 6   ? ? 117.61 122.30 -4.69  0.60 N 
31 1 C6    A DT 6   ? ? C5    A DT 6   ? ? C7    A DT 6   ? ? 117.81 122.90 -5.09  0.60 N 
32 1 "C4'" A DT 8   ? ? "C3'" A DT 8   ? ? "C2'" A DT 8   ? ? 97.51  102.20 -4.69  0.70 N 
33 1 N3    A DT 8   ? ? C2    A DT 8   ? ? O2    A DT 8   ? ? 117.62 122.30 -4.68  0.60 N 
34 1 C4    A DT 8   ? ? C5    A DT 8   ? ? C7    A DT 8   ? ? 122.83 119.00 3.83   0.60 N 
35 1 C6    A DT 8   ? ? C5    A DT 8   ? ? C7    A DT 8   ? ? 117.56 122.90 -5.34  0.60 N 
36 1 "C5'" A DG 9   ? ? "C4'" A DG 9   ? ? "O4'" A DG 9   ? ? 118.26 109.80 8.46   1.10 N 
37 1 "O4'" A DG 9   ? ? "C1'" A DG 9   ? ? "C2'" A DG 9   ? ? 100.96 105.90 -4.94  0.80 N 
38 1 "O4'" A DG 9   ? ? "C1'" A DG 9   ? ? N9    A DG 9   ? ? 111.88 108.30 3.58   0.30 N 
39 1 N1    A DG 9   ? ? C6    A DG 9   ? ? O6    A DG 9   ? ? 114.55 119.90 -5.35  0.60 N 
40 1 "O4'" A DC 10  ? ? "C1'" A DC 10  ? ? N1    A DC 10  ? ? 112.02 108.30 3.72   0.30 N 
41 1 C2    A DC 10  ? ? N3    A DC 10  ? ? C4    A DC 10  ? ? 116.81 119.90 -3.09  0.50 N 
42 1 N3    A DC 10  ? ? C2    A DC 10  ? ? O2    A DC 10  ? ? 116.59 121.90 -5.31  0.70 N 
43 1 "O4'" A DG 11  ? ? "C1'" A DG 11  ? ? N9    A DG 11  ? ? 112.31 108.30 4.01   0.30 N 
44 1 C5    A DG 11  ? ? C6    A DG 11  ? ? N1    A DG 11  ? ? 115.24 111.50 3.74   0.50 N 
45 1 N1    A DG 11  ? ? C6    A DG 11  ? ? O6    A DG 11  ? ? 114.64 119.90 -5.26  0.60 N 
46 1 "O4'" A DC 12  ? ? "C1'" A DC 12  ? ? N1    A DC 12  ? ? 112.06 108.30 3.76   0.30 N 
47 1 N3    A DC 12  ? ? C2    A DC 12  ? ? O2    A DC 12  ? ? 116.53 121.90 -5.37  0.70 N 
48 1 "O4'" B G  101 ? ? "C1'" B G  101 ? ? N9    B G  101 ? ? 113.79 108.50 5.29   0.70 N 
49 1 C5    B G  101 ? ? C6    B G  101 ? ? N1    B G  101 ? ? 115.21 111.50 3.71   0.50 N 
50 1 N1    B G  101 ? ? C6    B G  101 ? ? O6    B G  101 ? ? 115.04 119.90 -4.86  0.60 N 
51 1 "O4'" B C  102 ? ? "C1'" B C  102 ? ? N1    B C  102 ? ? 113.01 108.50 4.51   0.70 N 
52 1 N3    B C  102 ? ? C2    B C  102 ? ? O2    B C  102 ? ? 117.21 121.90 -4.69  0.70 N 
53 1 C5    B G  103 ? ? C6    B G  103 ? ? N1    B G  103 ? ? 115.33 111.50 3.83   0.50 N 
54 1 N1    B G  103 ? ? C6    B G  103 ? ? O6    B G  103 ? ? 115.40 119.90 -4.50  0.60 N 
55 1 "C3'" B C  104 ? ? "C2'" B C  104 ? ? "C1'" B C  104 ? ? 106.46 101.50 4.96   0.80 N 
56 1 N3    B C  104 ? ? C2    B C  104 ? ? O2    B C  104 ? ? 116.22 121.90 -5.68  0.70 N 
57 1 C4    B A  105 ? ? C5    B A  105 ? ? C6    B A  105 ? ? 112.19 117.00 -4.81  0.50 N 
58 1 C5    B A  105 ? ? C6    B A  105 ? ? N1    B A  105 ? ? 122.48 117.70 4.78   0.50 N 
59 1 N1    B A  105 ? ? C6    B A  105 ? ? N6    B A  105 ? ? 112.79 118.60 -5.81  0.60 N 
60 1 N1    B A  106 ? ? C2    B A  106 ? ? N3    B A  106 ? ? 126.03 129.30 -3.27  0.50 N 
61 1 C4    B A  106 ? ? C5    B A  106 ? ? C6    B A  106 ? ? 112.40 117.00 -4.60  0.50 N 
62 1 C5    B A  106 ? ? C6    B A  106 ? ? N1    B A  106 ? ? 121.97 117.70 4.27   0.50 N 
63 1 N1    B A  106 ? ? C6    B A  106 ? ? N6    B A  106 ? ? 113.15 118.60 -5.45  0.60 N 
64 1 C4    B A  107 ? ? C5    B A  107 ? ? C6    B A  107 ? ? 112.16 117.00 -4.84  0.50 N 
65 1 C5    B A  107 ? ? C6    B A  107 ? ? N1    B A  107 ? ? 122.67 117.70 4.97   0.50 N 
66 1 N1    B A  107 ? ? C6    B A  107 ? ? N6    B A  107 ? ? 113.24 118.60 -5.36  0.60 N 
67 1 C4    B A  108 ? ? C5    B A  108 ? ? C6    B A  108 ? ? 112.85 117.00 -4.15  0.50 N 
68 1 C5    B A  108 ? ? C6    B A  108 ? ? N1    B A  108 ? ? 122.38 117.70 4.68   0.50 N 
69 1 N1    B A  108 ? ? C6    B A  108 ? ? N6    B A  108 ? ? 113.38 118.60 -5.22  0.60 N 
70 1 C2    B C  109 ? ? N3    B C  109 ? ? C4    B C  109 ? ? 116.18 119.90 -3.72  0.50 N 
71 1 N3    B C  109 ? ? C2    B C  109 ? ? O2    B C  109 ? ? 116.09 121.90 -5.81  0.70 N 
72 1 C5    B G  110 ? ? C6    B G  110 ? ? N1    B G  110 ? ? 115.30 111.50 3.80   0.50 N 
73 1 N1    B G  110 ? ? C6    B G  110 ? ? O6    B G  110 ? ? 115.85 119.90 -4.05  0.60 N 
74 1 C2    B C  111 ? ? N3    B C  111 ? ? C4    B C  111 ? ? 116.16 119.90 -3.74  0.50 N 
75 1 N3    B C  111 ? ? C2    B C  111 ? ? O2    B C  111 ? ? 117.54 121.90 -4.36  0.70 N 
76 1 C5    B G  112 ? ? C6    B G  112 ? ? N1    B G  112 ? ? 115.20 111.50 3.70   0.50 N 
77 1 N1    B G  112 ? ? C6    B G  112 ? ? O6    B G  112 ? ? 115.60 119.90 -4.30  0.60 N 
# 
loop_
_pdbx_validate_planes.id 
_pdbx_validate_planes.PDB_model_num 
_pdbx_validate_planes.auth_comp_id 
_pdbx_validate_planes.auth_asym_id 
_pdbx_validate_planes.auth_seq_id 
_pdbx_validate_planes.PDB_ins_code 
_pdbx_validate_planes.label_alt_id 
_pdbx_validate_planes.rmsd 
_pdbx_validate_planes.type 
1  1 DC A 1   ? ? 0.071 'SIDE CHAIN' 
2  1 DG A 2   ? ? 0.078 'SIDE CHAIN' 
3  1 DG A 4   ? ? 0.089 'SIDE CHAIN' 
4  1 DT A 5   ? ? 0.130 'SIDE CHAIN' 
5  1 DT A 6   ? ? 0.157 'SIDE CHAIN' 
6  1 DT A 8   ? ? 0.126 'SIDE CHAIN' 
7  1 DG A 9   ? ? 0.153 'SIDE CHAIN' 
8  1 DC A 10  ? ? 0.079 'SIDE CHAIN' 
9  1 DG A 11  ? ? 0.062 'SIDE CHAIN' 
10 1 C  B 102 ? ? 0.095 'SIDE CHAIN' 
11 1 G  B 103 ? ? 0.082 'SIDE CHAIN' 
12 1 A  B 105 ? ? 0.092 'SIDE CHAIN' 
13 1 C  B 109 ? ? 0.077 'SIDE CHAIN' 
# 
_pdbx_struct_mod_residue.id               1 
_pdbx_struct_mod_residue.label_asym_id    A 
_pdbx_struct_mod_residue.label_comp_id    MMT 
_pdbx_struct_mod_residue.label_seq_id     7 
_pdbx_struct_mod_residue.auth_asym_id     A 
_pdbx_struct_mod_residue.auth_comp_id     MMT 
_pdbx_struct_mod_residue.auth_seq_id      7 
_pdbx_struct_mod_residue.PDB_ins_code     ? 
_pdbx_struct_mod_residue.parent_comp_id   DT 
_pdbx_struct_mod_residue.details          "5'-O-(DIMETHYLAMINO)-THYMIDINE" 
# 
_pdbx_nmr_ensemble.entry_id                                      1CX5 
_pdbx_nmr_ensemble.conformers_calculated_total_number            9 
_pdbx_nmr_ensemble.conformers_submitted_total_number             1 
_pdbx_nmr_ensemble.conformer_selection_criteria                  
'all calculated structures submitted,back calculated data agree with experimental NOESY spectrum' 
_pdbx_nmr_ensemble.average_constraints_per_residue               ? 
_pdbx_nmr_ensemble.average_constraint_violations_per_residue     ? 
_pdbx_nmr_ensemble.maximum_distance_constraint_violation         ? 
_pdbx_nmr_ensemble.average_distance_constraint_violation         ? 
_pdbx_nmr_ensemble.maximum_upper_distance_constraint_violation   ? 
_pdbx_nmr_ensemble.maximum_lower_distance_constraint_violation   ? 
_pdbx_nmr_ensemble.distance_constraint_violation_method          ? 
_pdbx_nmr_ensemble.maximum_torsion_angle_constraint_violation    ? 
_pdbx_nmr_ensemble.average_torsion_angle_constraint_violation    ? 
_pdbx_nmr_ensemble.torsion_angle_constraint_violation_method     ? 
# 
_pdbx_nmr_sample_details.solution_id      1 
_pdbx_nmr_sample_details.contents         '1-2 mM hybrid duplex in 0.1 M NaCl, 10 mM sodium phosphate and 0.1 mM sodium EDTA.' 
_pdbx_nmr_sample_details.solvent_system   '99.96% D2O or 90% H2O/10% D2O' 
# 
_pdbx_nmr_exptl_sample_conditions.conditions_id       1 
_pdbx_nmr_exptl_sample_conditions.temperature         ? 
_pdbx_nmr_exptl_sample_conditions.pressure            ambient 
_pdbx_nmr_exptl_sample_conditions.pH                  ? 
_pdbx_nmr_exptl_sample_conditions.ionic_strength      ? 
_pdbx_nmr_exptl_sample_conditions.pressure_units      ? 
_pdbx_nmr_exptl_sample_conditions.temperature_units   K 
# 
loop_
_pdbx_nmr_software.name 
_pdbx_nmr_software.version 
_pdbx_nmr_software.classification 
_pdbx_nmr_software.authors 
_pdbx_nmr_software.ordinal 
UXNMR     ?         collection           ? 1 
Felix     2.3/95/97 'data analysis'      ? 2 
MARDIGRAS ?         'structure solution' ? 3 
X-PLOR    ?         refinement           ? 4 
QUANTA    4/98      processing           ? 5 
# 
loop_
_chem_comp_atom.comp_id 
_chem_comp_atom.atom_id 
_chem_comp_atom.type_symbol 
_chem_comp_atom.pdbx_aromatic_flag 
_chem_comp_atom.pdbx_stereo_config 
_chem_comp_atom.pdbx_ordinal 
A   OP3    O N N 1   
A   P      P N N 2   
A   OP1    O N N 3   
A   OP2    O N N 4   
A   "O5'"  O N N 5   
A   "C5'"  C N N 6   
A   "C4'"  C N R 7   
A   "O4'"  O N N 8   
A   "C3'"  C N S 9   
A   "O3'"  O N N 10  
A   "C2'"  C N R 11  
A   "O2'"  O N N 12  
A   "C1'"  C N R 13  
A   N9     N Y N 14  
A   C8     C Y N 15  
A   N7     N Y N 16  
A   C5     C Y N 17  
A   C6     C Y N 18  
A   N6     N N N 19  
A   N1     N Y N 20  
A   C2     C Y N 21  
A   N3     N Y N 22  
A   C4     C Y N 23  
A   HOP3   H N N 24  
A   HOP2   H N N 25  
A   "H5'"  H N N 26  
A   "H5''" H N N 27  
A   "H4'"  H N N 28  
A   "H3'"  H N N 29  
A   "HO3'" H N N 30  
A   "H2'"  H N N 31  
A   "HO2'" H N N 32  
A   "H1'"  H N N 33  
A   H8     H N N 34  
A   H61    H N N 35  
A   H62    H N N 36  
A   H2     H N N 37  
C   OP3    O N N 38  
C   P      P N N 39  
C   OP1    O N N 40  
C   OP2    O N N 41  
C   "O5'"  O N N 42  
C   "C5'"  C N N 43  
C   "C4'"  C N R 44  
C   "O4'"  O N N 45  
C   "C3'"  C N S 46  
C   "O3'"  O N N 47  
C   "C2'"  C N R 48  
C   "O2'"  O N N 49  
C   "C1'"  C N R 50  
C   N1     N N N 51  
C   C2     C N N 52  
C   O2     O N N 53  
C   N3     N N N 54  
C   C4     C N N 55  
C   N4     N N N 56  
C   C5     C N N 57  
C   C6     C N N 58  
C   HOP3   H N N 59  
C   HOP2   H N N 60  
C   "H5'"  H N N 61  
C   "H5''" H N N 62  
C   "H4'"  H N N 63  
C   "H3'"  H N N 64  
C   "HO3'" H N N 65  
C   "H2'"  H N N 66  
C   "HO2'" H N N 67  
C   "H1'"  H N N 68  
C   H41    H N N 69  
C   H42    H N N 70  
C   H5     H N N 71  
C   H6     H N N 72  
DC  OP3    O N N 73  
DC  P      P N N 74  
DC  OP1    O N N 75  
DC  OP2    O N N 76  
DC  "O5'"  O N N 77  
DC  "C5'"  C N N 78  
DC  "C4'"  C N R 79  
DC  "O4'"  O N N 80  
DC  "C3'"  C N S 81  
DC  "O3'"  O N N 82  
DC  "C2'"  C N N 83  
DC  "C1'"  C N R 84  
DC  N1     N N N 85  
DC  C2     C N N 86  
DC  O2     O N N 87  
DC  N3     N N N 88  
DC  C4     C N N 89  
DC  N4     N N N 90  
DC  C5     C N N 91  
DC  C6     C N N 92  
DC  HOP3   H N N 93  
DC  HOP2   H N N 94  
DC  "H5'"  H N N 95  
DC  "H5''" H N N 96  
DC  "H4'"  H N N 97  
DC  "H3'"  H N N 98  
DC  "HO3'" H N N 99  
DC  "H2'"  H N N 100 
DC  "H2''" H N N 101 
DC  "H1'"  H N N 102 
DC  H41    H N N 103 
DC  H42    H N N 104 
DC  H5     H N N 105 
DC  H6     H N N 106 
DG  OP3    O N N 107 
DG  P      P N N 108 
DG  OP1    O N N 109 
DG  OP2    O N N 110 
DG  "O5'"  O N N 111 
DG  "C5'"  C N N 112 
DG  "C4'"  C N R 113 
DG  "O4'"  O N N 114 
DG  "C3'"  C N S 115 
DG  "O3'"  O N N 116 
DG  "C2'"  C N N 117 
DG  "C1'"  C N R 118 
DG  N9     N Y N 119 
DG  C8     C Y N 120 
DG  N7     N Y N 121 
DG  C5     C Y N 122 
DG  C6     C N N 123 
DG  O6     O N N 124 
DG  N1     N N N 125 
DG  C2     C N N 126 
DG  N2     N N N 127 
DG  N3     N N N 128 
DG  C4     C Y N 129 
DG  HOP3   H N N 130 
DG  HOP2   H N N 131 
DG  "H5'"  H N N 132 
DG  "H5''" H N N 133 
DG  "H4'"  H N N 134 
DG  "H3'"  H N N 135 
DG  "HO3'" H N N 136 
DG  "H2'"  H N N 137 
DG  "H2''" H N N 138 
DG  "H1'"  H N N 139 
DG  H8     H N N 140 
DG  H1     H N N 141 
DG  H21    H N N 142 
DG  H22    H N N 143 
DT  OP3    O N N 144 
DT  P      P N N 145 
DT  OP1    O N N 146 
DT  OP2    O N N 147 
DT  "O5'"  O N N 148 
DT  "C5'"  C N N 149 
DT  "C4'"  C N R 150 
DT  "O4'"  O N N 151 
DT  "C3'"  C N S 152 
DT  "O3'"  O N N 153 
DT  "C2'"  C N N 154 
DT  "C1'"  C N R 155 
DT  N1     N N N 156 
DT  C2     C N N 157 
DT  O2     O N N 158 
DT  N3     N N N 159 
DT  C4     C N N 160 
DT  O4     O N N 161 
DT  C5     C N N 162 
DT  C7     C N N 163 
DT  C6     C N N 164 
DT  HOP3   H N N 165 
DT  HOP2   H N N 166 
DT  "H5'"  H N N 167 
DT  "H5''" H N N 168 
DT  "H4'"  H N N 169 
DT  "H3'"  H N N 170 
DT  "HO3'" H N N 171 
DT  "H2'"  H N N 172 
DT  "H2''" H N N 173 
DT  "H1'"  H N N 174 
DT  H3     H N N 175 
DT  H71    H N N 176 
DT  H72    H N N 177 
DT  H73    H N N 178 
DT  H6     H N N 179 
G   OP3    O N N 180 
G   P      P N N 181 
G   OP1    O N N 182 
G   OP2    O N N 183 
G   "O5'"  O N N 184 
G   "C5'"  C N N 185 
G   "C4'"  C N R 186 
G   "O4'"  O N N 187 
G   "C3'"  C N S 188 
G   "O3'"  O N N 189 
G   "C2'"  C N R 190 
G   "O2'"  O N N 191 
G   "C1'"  C N R 192 
G   N9     N Y N 193 
G   C8     C Y N 194 
G   N7     N Y N 195 
G   C5     C Y N 196 
G   C6     C N N 197 
G   O6     O N N 198 
G   N1     N N N 199 
G   C2     C N N 200 
G   N2     N N N 201 
G   N3     N N N 202 
G   C4     C Y N 203 
G   HOP3   H N N 204 
G   HOP2   H N N 205 
G   "H5'"  H N N 206 
G   "H5''" H N N 207 
G   "H4'"  H N N 208 
G   "H3'"  H N N 209 
G   "HO3'" H N N 210 
G   "H2'"  H N N 211 
G   "HO2'" H N N 212 
G   "H1'"  H N N 213 
G   H8     H N N 214 
G   H1     H N N 215 
G   H21    H N N 216 
G   H22    H N N 217 
MMT C3X    C N N 218 
MMT NP     N N N 219 
MMT CP     C N N 220 
MMT "O5'"  O N N 221 
MMT "C5'"  C N N 222 
MMT "C4'"  C N R 223 
MMT "O4'"  O N N 224 
MMT "C1'"  C N R 225 
MMT "C2'"  C N N 226 
MMT "C3'"  C N S 227 
MMT "O3'"  O N N 228 
MMT N1     N N N 229 
MMT C2     C N N 230 
MMT N3     N N N 231 
MMT C4     C N N 232 
MMT C5     C N N 233 
MMT C6     C N N 234 
MMT O2     O N N 235 
MMT O4     O N N 236 
MMT C5M    C N N 237 
MMT HC31   H N N 238 
MMT HC32   H N N 239 
MMT HC33   H N N 240 
MMT HNP1   H N N 241 
MMT HNP2   H N N 242 
MMT HNP3   H N N 243 
MMT "H5'"  H N N 244 
MMT "H5''" H N N 245 
MMT "H4'"  H N N 246 
MMT "H1'"  H N N 247 
MMT "H2'"  H N N 248 
MMT "H2''" H N N 249 
MMT "H3'"  H N N 250 
MMT "HO3'" H N N 251 
MMT H3     H N N 252 
MMT H6     H N N 253 
MMT H71    H N N 254 
MMT H72    H N N 255 
MMT H73    H N N 256 
# 
loop_
_chem_comp_bond.comp_id 
_chem_comp_bond.atom_id_1 
_chem_comp_bond.atom_id_2 
_chem_comp_bond.value_order 
_chem_comp_bond.pdbx_aromatic_flag 
_chem_comp_bond.pdbx_stereo_config 
_chem_comp_bond.pdbx_ordinal 
A   OP3   P      sing N N 1   
A   OP3   HOP3   sing N N 2   
A   P     OP1    doub N N 3   
A   P     OP2    sing N N 4   
A   P     "O5'"  sing N N 5   
A   OP2   HOP2   sing N N 6   
A   "O5'" "C5'"  sing N N 7   
A   "C5'" "C4'"  sing N N 8   
A   "C5'" "H5'"  sing N N 9   
A   "C5'" "H5''" sing N N 10  
A   "C4'" "O4'"  sing N N 11  
A   "C4'" "C3'"  sing N N 12  
A   "C4'" "H4'"  sing N N 13  
A   "O4'" "C1'"  sing N N 14  
A   "C3'" "O3'"  sing N N 15  
A   "C3'" "C2'"  sing N N 16  
A   "C3'" "H3'"  sing N N 17  
A   "O3'" "HO3'" sing N N 18  
A   "C2'" "O2'"  sing N N 19  
A   "C2'" "C1'"  sing N N 20  
A   "C2'" "H2'"  sing N N 21  
A   "O2'" "HO2'" sing N N 22  
A   "C1'" N9     sing N N 23  
A   "C1'" "H1'"  sing N N 24  
A   N9    C8     sing Y N 25  
A   N9    C4     sing Y N 26  
A   C8    N7     doub Y N 27  
A   C8    H8     sing N N 28  
A   N7    C5     sing Y N 29  
A   C5    C6     sing Y N 30  
A   C5    C4     doub Y N 31  
A   C6    N6     sing N N 32  
A   C6    N1     doub Y N 33  
A   N6    H61    sing N N 34  
A   N6    H62    sing N N 35  
A   N1    C2     sing Y N 36  
A   C2    N3     doub Y N 37  
A   C2    H2     sing N N 38  
A   N3    C4     sing Y N 39  
C   OP3   P      sing N N 40  
C   OP3   HOP3   sing N N 41  
C   P     OP1    doub N N 42  
C   P     OP2    sing N N 43  
C   P     "O5'"  sing N N 44  
C   OP2   HOP2   sing N N 45  
C   "O5'" "C5'"  sing N N 46  
C   "C5'" "C4'"  sing N N 47  
C   "C5'" "H5'"  sing N N 48  
C   "C5'" "H5''" sing N N 49  
C   "C4'" "O4'"  sing N N 50  
C   "C4'" "C3'"  sing N N 51  
C   "C4'" "H4'"  sing N N 52  
C   "O4'" "C1'"  sing N N 53  
C   "C3'" "O3'"  sing N N 54  
C   "C3'" "C2'"  sing N N 55  
C   "C3'" "H3'"  sing N N 56  
C   "O3'" "HO3'" sing N N 57  
C   "C2'" "O2'"  sing N N 58  
C   "C2'" "C1'"  sing N N 59  
C   "C2'" "H2'"  sing N N 60  
C   "O2'" "HO2'" sing N N 61  
C   "C1'" N1     sing N N 62  
C   "C1'" "H1'"  sing N N 63  
C   N1    C2     sing N N 64  
C   N1    C6     sing N N 65  
C   C2    O2     doub N N 66  
C   C2    N3     sing N N 67  
C   N3    C4     doub N N 68  
C   C4    N4     sing N N 69  
C   C4    C5     sing N N 70  
C   N4    H41    sing N N 71  
C   N4    H42    sing N N 72  
C   C5    C6     doub N N 73  
C   C5    H5     sing N N 74  
C   C6    H6     sing N N 75  
DC  OP3   P      sing N N 76  
DC  OP3   HOP3   sing N N 77  
DC  P     OP1    doub N N 78  
DC  P     OP2    sing N N 79  
DC  P     "O5'"  sing N N 80  
DC  OP2   HOP2   sing N N 81  
DC  "O5'" "C5'"  sing N N 82  
DC  "C5'" "C4'"  sing N N 83  
DC  "C5'" "H5'"  sing N N 84  
DC  "C5'" "H5''" sing N N 85  
DC  "C4'" "O4'"  sing N N 86  
DC  "C4'" "C3'"  sing N N 87  
DC  "C4'" "H4'"  sing N N 88  
DC  "O4'" "C1'"  sing N N 89  
DC  "C3'" "O3'"  sing N N 90  
DC  "C3'" "C2'"  sing N N 91  
DC  "C3'" "H3'"  sing N N 92  
DC  "O3'" "HO3'" sing N N 93  
DC  "C2'" "C1'"  sing N N 94  
DC  "C2'" "H2'"  sing N N 95  
DC  "C2'" "H2''" sing N N 96  
DC  "C1'" N1     sing N N 97  
DC  "C1'" "H1'"  sing N N 98  
DC  N1    C2     sing N N 99  
DC  N1    C6     sing N N 100 
DC  C2    O2     doub N N 101 
DC  C2    N3     sing N N 102 
DC  N3    C4     doub N N 103 
DC  C4    N4     sing N N 104 
DC  C4    C5     sing N N 105 
DC  N4    H41    sing N N 106 
DC  N4    H42    sing N N 107 
DC  C5    C6     doub N N 108 
DC  C5    H5     sing N N 109 
DC  C6    H6     sing N N 110 
DG  OP3   P      sing N N 111 
DG  OP3   HOP3   sing N N 112 
DG  P     OP1    doub N N 113 
DG  P     OP2    sing N N 114 
DG  P     "O5'"  sing N N 115 
DG  OP2   HOP2   sing N N 116 
DG  "O5'" "C5'"  sing N N 117 
DG  "C5'" "C4'"  sing N N 118 
DG  "C5'" "H5'"  sing N N 119 
DG  "C5'" "H5''" sing N N 120 
DG  "C4'" "O4'"  sing N N 121 
DG  "C4'" "C3'"  sing N N 122 
DG  "C4'" "H4'"  sing N N 123 
DG  "O4'" "C1'"  sing N N 124 
DG  "C3'" "O3'"  sing N N 125 
DG  "C3'" "C2'"  sing N N 126 
DG  "C3'" "H3'"  sing N N 127 
DG  "O3'" "HO3'" sing N N 128 
DG  "C2'" "C1'"  sing N N 129 
DG  "C2'" "H2'"  sing N N 130 
DG  "C2'" "H2''" sing N N 131 
DG  "C1'" N9     sing N N 132 
DG  "C1'" "H1'"  sing N N 133 
DG  N9    C8     sing Y N 134 
DG  N9    C4     sing Y N 135 
DG  C8    N7     doub Y N 136 
DG  C8    H8     sing N N 137 
DG  N7    C5     sing Y N 138 
DG  C5    C6     sing N N 139 
DG  C5    C4     doub Y N 140 
DG  C6    O6     doub N N 141 
DG  C6    N1     sing N N 142 
DG  N1    C2     sing N N 143 
DG  N1    H1     sing N N 144 
DG  C2    N2     sing N N 145 
DG  C2    N3     doub N N 146 
DG  N2    H21    sing N N 147 
DG  N2    H22    sing N N 148 
DG  N3    C4     sing N N 149 
DT  OP3   P      sing N N 150 
DT  OP3   HOP3   sing N N 151 
DT  P     OP1    doub N N 152 
DT  P     OP2    sing N N 153 
DT  P     "O5'"  sing N N 154 
DT  OP2   HOP2   sing N N 155 
DT  "O5'" "C5'"  sing N N 156 
DT  "C5'" "C4'"  sing N N 157 
DT  "C5'" "H5'"  sing N N 158 
DT  "C5'" "H5''" sing N N 159 
DT  "C4'" "O4'"  sing N N 160 
DT  "C4'" "C3'"  sing N N 161 
DT  "C4'" "H4'"  sing N N 162 
DT  "O4'" "C1'"  sing N N 163 
DT  "C3'" "O3'"  sing N N 164 
DT  "C3'" "C2'"  sing N N 165 
DT  "C3'" "H3'"  sing N N 166 
DT  "O3'" "HO3'" sing N N 167 
DT  "C2'" "C1'"  sing N N 168 
DT  "C2'" "H2'"  sing N N 169 
DT  "C2'" "H2''" sing N N 170 
DT  "C1'" N1     sing N N 171 
DT  "C1'" "H1'"  sing N N 172 
DT  N1    C2     sing N N 173 
DT  N1    C6     sing N N 174 
DT  C2    O2     doub N N 175 
DT  C2    N3     sing N N 176 
DT  N3    C4     sing N N 177 
DT  N3    H3     sing N N 178 
DT  C4    O4     doub N N 179 
DT  C4    C5     sing N N 180 
DT  C5    C7     sing N N 181 
DT  C5    C6     doub N N 182 
DT  C7    H71    sing N N 183 
DT  C7    H72    sing N N 184 
DT  C7    H73    sing N N 185 
DT  C6    H6     sing N N 186 
G   OP3   P      sing N N 187 
G   OP3   HOP3   sing N N 188 
G   P     OP1    doub N N 189 
G   P     OP2    sing N N 190 
G   P     "O5'"  sing N N 191 
G   OP2   HOP2   sing N N 192 
G   "O5'" "C5'"  sing N N 193 
G   "C5'" "C4'"  sing N N 194 
G   "C5'" "H5'"  sing N N 195 
G   "C5'" "H5''" sing N N 196 
G   "C4'" "O4'"  sing N N 197 
G   "C4'" "C3'"  sing N N 198 
G   "C4'" "H4'"  sing N N 199 
G   "O4'" "C1'"  sing N N 200 
G   "C3'" "O3'"  sing N N 201 
G   "C3'" "C2'"  sing N N 202 
G   "C3'" "H3'"  sing N N 203 
G   "O3'" "HO3'" sing N N 204 
G   "C2'" "O2'"  sing N N 205 
G   "C2'" "C1'"  sing N N 206 
G   "C2'" "H2'"  sing N N 207 
G   "O2'" "HO2'" sing N N 208 
G   "C1'" N9     sing N N 209 
G   "C1'" "H1'"  sing N N 210 
G   N9    C8     sing Y N 211 
G   N9    C4     sing Y N 212 
G   C8    N7     doub Y N 213 
G   C8    H8     sing N N 214 
G   N7    C5     sing Y N 215 
G   C5    C6     sing N N 216 
G   C5    C4     doub Y N 217 
G   C6    O6     doub N N 218 
G   C6    N1     sing N N 219 
G   N1    C2     sing N N 220 
G   N1    H1     sing N N 221 
G   C2    N2     sing N N 222 
G   C2    N3     doub N N 223 
G   N2    H21    sing N N 224 
G   N2    H22    sing N N 225 
G   N3    C4     sing N N 226 
MMT C3X   NP     sing N N 227 
MMT C3X   HC31   sing N N 228 
MMT C3X   HC32   sing N N 229 
MMT C3X   HC33   sing N N 230 
MMT NP    CP     sing N N 231 
MMT NP    "O5'"  sing N N 232 
MMT CP    HNP1   sing N N 233 
MMT CP    HNP2   sing N N 234 
MMT CP    HNP3   sing N N 235 
MMT "O5'" "C5'"  sing N N 236 
MMT "C5'" "C4'"  sing N N 237 
MMT "C5'" "H5'"  sing N N 238 
MMT "C5'" "H5''" sing N N 239 
MMT "C4'" "O4'"  sing N N 240 
MMT "C4'" "C3'"  sing N N 241 
MMT "C4'" "H4'"  sing N N 242 
MMT "O4'" "C1'"  sing N N 243 
MMT "C1'" "C2'"  sing N N 244 
MMT "C1'" N1     sing N N 245 
MMT "C1'" "H1'"  sing N N 246 
MMT "C2'" "C3'"  sing N N 247 
MMT "C2'" "H2'"  sing N N 248 
MMT "C2'" "H2''" sing N N 249 
MMT "C3'" "O3'"  sing N N 250 
MMT "C3'" "H3'"  sing N N 251 
MMT "O3'" "HO3'" sing N N 252 
MMT N1    C2     sing N N 253 
MMT N1    C6     sing N N 254 
MMT C2    N3     sing N N 255 
MMT C2    O2     doub N N 256 
MMT N3    C4     sing N N 257 
MMT N3    H3     sing N N 258 
MMT C4    C5     sing N N 259 
MMT C4    O4     doub N N 260 
MMT C5    C6     doub N N 261 
MMT C5    C5M    sing N N 262 
MMT C6    H6     sing N N 263 
MMT C5M   H71    sing N N 264 
MMT C5M   H72    sing N N 265 
MMT C5M   H73    sing N N 266 
# 
loop_
_ndb_struct_conf_na.entry_id 
_ndb_struct_conf_na.feature 
1CX5 'double helix'        
1CX5 'b-form double helix' 
# 
loop_
_ndb_struct_na_base_pair.model_number 
_ndb_struct_na_base_pair.i_label_asym_id 
_ndb_struct_na_base_pair.i_label_comp_id 
_ndb_struct_na_base_pair.i_label_seq_id 
_ndb_struct_na_base_pair.i_symmetry 
_ndb_struct_na_base_pair.j_label_asym_id 
_ndb_struct_na_base_pair.j_label_comp_id 
_ndb_struct_na_base_pair.j_label_seq_id 
_ndb_struct_na_base_pair.j_symmetry 
_ndb_struct_na_base_pair.shear 
_ndb_struct_na_base_pair.stretch 
_ndb_struct_na_base_pair.stagger 
_ndb_struct_na_base_pair.buckle 
_ndb_struct_na_base_pair.propeller 
_ndb_struct_na_base_pair.opening 
_ndb_struct_na_base_pair.pair_number 
_ndb_struct_na_base_pair.pair_name 
_ndb_struct_na_base_pair.i_auth_asym_id 
_ndb_struct_na_base_pair.i_auth_seq_id 
_ndb_struct_na_base_pair.i_PDB_ins_code 
_ndb_struct_na_base_pair.j_auth_asym_id 
_ndb_struct_na_base_pair.j_auth_seq_id 
_ndb_struct_na_base_pair.j_PDB_ins_code 
_ndb_struct_na_base_pair.hbond_type_28 
_ndb_struct_na_base_pair.hbond_type_12 
1 A DC  1  1_555 B G 12 1_555 0.168  -0.049 0.254  13.324 -20.903 -3.893 1  A_DC1:G112_B  A 1  ? B 112 ? 19 1 
1 A DG  2  1_555 B C 11 1_555 -0.059 0.102  0.370  26.316 -8.650  -0.474 2  A_DG2:C111_B  A 2  ? B 111 ? 19 1 
1 A DC  3  1_555 B G 10 1_555 -0.259 0.120  -0.334 33.201 -21.556 -2.095 3  A_DC3:G110_B  A 3  ? B 110 ? 19 1 
1 A DG  4  1_555 B C 9  1_555 0.006  -0.021 -0.502 -1.816 -22.033 1.711  4  A_DG4:C109_B  A 4  ? B 109 ? 19 1 
1 A DT  5  1_555 B A 8  1_555 0.297  -0.052 -0.221 8.924  -25.036 -1.443 5  A_DT5:A108_B  A 5  ? B 108 ? 20 1 
1 A DT  6  1_555 B A 7  1_555 0.136  0.017  -0.373 13.158 -29.038 -2.041 6  A_DT6:A107_B  A 6  ? B 107 ? 20 1 
1 A MMT 7  1_555 B A 6  1_555 0.722  0.096  -0.825 38.966 -21.130 9.871  7  A_MMT7:A106_B A 7  ? B 106 ? 20 1 
1 A DT  8  1_555 B A 5  1_555 -0.222 0.071  -0.908 30.965 -27.849 3.535  8  A_DT8:A105_B  A 8  ? B 105 ? 20 1 
1 A DG  9  1_555 B C 4  1_555 0.668  -0.096 0.628  5.837  -33.912 -4.064 9  A_DG9:C104_B  A 9  ? B 104 ? 19 1 
1 A DC  10 1_555 B G 3  1_555 -0.005 -0.099 0.741  2.323  -26.128 -5.044 10 A_DC10:G103_B A 10 ? B 103 ? 19 1 
1 A DG  11 1_555 B C 2  1_555 0.363  -0.028 0.643  8.814  -25.563 -3.015 11 A_DG11:C102_B A 11 ? B 102 ? 19 1 
1 A DC  12 1_555 B G 1  1_555 -0.238 -0.040 0.609  -2.861 -23.285 -3.660 12 A_DC12:G101_B A 12 ? B 101 ? 19 1 
# 
loop_
_ndb_struct_na_base_pair_step.model_number 
_ndb_struct_na_base_pair_step.i_label_asym_id_1 
_ndb_struct_na_base_pair_step.i_label_comp_id_1 
_ndb_struct_na_base_pair_step.i_label_seq_id_1 
_ndb_struct_na_base_pair_step.i_symmetry_1 
_ndb_struct_na_base_pair_step.j_label_asym_id_1 
_ndb_struct_na_base_pair_step.j_label_comp_id_1 
_ndb_struct_na_base_pair_step.j_label_seq_id_1 
_ndb_struct_na_base_pair_step.j_symmetry_1 
_ndb_struct_na_base_pair_step.i_label_asym_id_2 
_ndb_struct_na_base_pair_step.i_label_comp_id_2 
_ndb_struct_na_base_pair_step.i_label_seq_id_2 
_ndb_struct_na_base_pair_step.i_symmetry_2 
_ndb_struct_na_base_pair_step.j_label_asym_id_2 
_ndb_struct_na_base_pair_step.j_label_comp_id_2 
_ndb_struct_na_base_pair_step.j_label_seq_id_2 
_ndb_struct_na_base_pair_step.j_symmetry_2 
_ndb_struct_na_base_pair_step.shift 
_ndb_struct_na_base_pair_step.slide 
_ndb_struct_na_base_pair_step.rise 
_ndb_struct_na_base_pair_step.tilt 
_ndb_struct_na_base_pair_step.roll 
_ndb_struct_na_base_pair_step.twist 
_ndb_struct_na_base_pair_step.x_displacement 
_ndb_struct_na_base_pair_step.y_displacement 
_ndb_struct_na_base_pair_step.helical_rise 
_ndb_struct_na_base_pair_step.inclination 
_ndb_struct_na_base_pair_step.tip 
_ndb_struct_na_base_pair_step.helical_twist 
_ndb_struct_na_base_pair_step.step_number 
_ndb_struct_na_base_pair_step.step_name 
_ndb_struct_na_base_pair_step.i_auth_asym_id_1 
_ndb_struct_na_base_pair_step.i_auth_seq_id_1 
_ndb_struct_na_base_pair_step.i_PDB_ins_code_1 
_ndb_struct_na_base_pair_step.j_auth_asym_id_1 
_ndb_struct_na_base_pair_step.j_auth_seq_id_1 
_ndb_struct_na_base_pair_step.j_PDB_ins_code_1 
_ndb_struct_na_base_pair_step.i_auth_asym_id_2 
_ndb_struct_na_base_pair_step.i_auth_seq_id_2 
_ndb_struct_na_base_pair_step.i_PDB_ins_code_2 
_ndb_struct_na_base_pair_step.j_auth_asym_id_2 
_ndb_struct_na_base_pair_step.j_auth_seq_id_2 
_ndb_struct_na_base_pair_step.j_PDB_ins_code_2 
1 A DC  1  1_555 B G 12 1_555 A DG  2  1_555 B C 11 1_555 -0.859 -0.545 2.750 -3.679 13.344 35.912 -2.206 0.926  2.474 20.718 
5.711  38.405 1  AA_DC1DG2:C111G112_BB   A 1  ? B 112 ? A 2  ? B 111 ? 
1 A DG  2  1_555 B C 11 1_555 A DC  3  1_555 B G 10 1_555 0.305  -0.886 3.015 0.845  5.344  24.624 -3.432 -0.478 2.772 12.342 
-1.950 25.202 2  AA_DG2DC3:G110C111_BB   A 2  ? B 111 ? A 3  ? B 110 ? 
1 A DC  3  1_555 B G 10 1_555 A DG  4  1_555 B C 9  1_555 -0.278 -0.869 3.870 -0.501 29.380 32.674 -4.288 0.320  2.361 42.982 
0.733  43.674 3  AA_DC3DG4:C109G110_BB   A 3  ? B 110 ? A 4  ? B 109 ? 
1 A DG  4  1_555 B C 9  1_555 A DT  5  1_555 B A 8  1_555 -0.409 -0.733 2.885 -7.552 6.507  33.672 -2.072 -0.314 2.727 10.939 
12.695 35.075 4  AA_DG4DT5:A108C109_BB   A 4  ? B 109 ? A 5  ? B 108 ? 
1 A DT  5  1_555 B A 8  1_555 A DT  6  1_555 B A 7  1_555 0.218  -1.032 3.030 4.385  4.187  27.644 -2.994 0.477  2.845 8.632  
-9.040 28.289 5  AA_DT5DT6:A107A108_BB   A 5  ? B 108 ? A 6  ? B 107 ? 
1 A DT  6  1_555 B A 7  1_555 A MMT 7  1_555 B A 6  1_555 0.355  -0.346 2.924 5.047  4.639  39.054 -0.997 0.004  2.888 6.875  
-7.480 39.628 6  AA_DT6MMT7:A106A107_BB  A 6  ? B 107 ? A 7  ? B 106 ? 
1 A MMT 7  1_555 B A 6  1_555 A DT  8  1_555 B A 5  1_555 -1.145 0.537  3.265 -3.133 8.000  32.366 -0.433 1.453  3.391 14.045 
5.500  33.457 7  AA_MMT7DT8:A105A106_BB  A 7  ? B 106 ? A 8  ? B 105 ? 
1 A DT  8  1_555 B A 5  1_555 A DG  9  1_555 B C 4  1_555 1.264  -0.261 3.802 -6.178 9.478  40.572 -1.471 -2.484 3.439 13.357 
8.707  42.056 8  AA_DT8DG9:C104A105_BB   A 8  ? B 105 ? A 9  ? B 104 ? 
1 A DG  9  1_555 B C 4  1_555 A DC  10 1_555 B G 3  1_555 -0.474 -1.953 3.140 -7.226 5.391  22.672 -6.172 -0.950 2.635 13.069 
17.517 24.377 9  AA_DG9DC10:G103C104_BB  A 9  ? B 104 ? A 10 ? B 103 ? 
1 A DC  10 1_555 B G 3  1_555 A DG  11 1_555 B C 2  1_555 0.548  -1.323 2.758 2.144  12.022 31.153 -3.850 -0.676 2.147 21.384 
-3.814 33.405 10 AA_DC10DG11:C102G103_BB A 10 ? B 103 ? A 11 ? B 102 ? 
1 A DG  11 1_555 B C 2  1_555 A DC  12 1_555 B G 1  1_555 0.198  -2.378 3.204 -1.162 2.142  33.091 -4.508 -0.532 3.040 3.755  
2.037  33.178 11 AA_DG11DC12:G101C102_BB A 11 ? B 102 ? A 12 ? B 101 ? 
# 
_pdbx_nmr_spectrometer.spectrometer_id   1 
_pdbx_nmr_spectrometer.type              ? 
_pdbx_nmr_spectrometer.manufacturer      Bruker 
_pdbx_nmr_spectrometer.model             AMX 
_pdbx_nmr_spectrometer.field_strength    600 
# 
_atom_sites.entry_id                    1CX5 
_atom_sites.fract_transf_matrix[1][1]   1.0 
_atom_sites.fract_transf_matrix[1][2]   0.0 
_atom_sites.fract_transf_matrix[1][3]   0.0 
_atom_sites.fract_transf_matrix[2][1]   0.0 
_atom_sites.fract_transf_matrix[2][2]   1.0 
_atom_sites.fract_transf_matrix[2][3]   0.0 
_atom_sites.fract_transf_matrix[3][1]   0.0 
_atom_sites.fract_transf_matrix[3][2]   0.0 
_atom_sites.fract_transf_matrix[3][3]   1.0 
_atom_sites.fract_transf_vector[1]      0.0 
_atom_sites.fract_transf_vector[2]      0.0 
_atom_sites.fract_transf_vector[3]      0.0 
# 
loop_
_atom_type.symbol 
C 
H 
N 
O 
P 
# 
loop_
_atom_site.group_PDB 
_atom_site.id 
_atom_site.type_symbol 
_atom_site.label_atom_id 
_atom_site.label_alt_id 
_atom_site.label_comp_id 
_atom_site.label_asym_id 
_atom_site.label_entity_id 
_atom_site.label_seq_id 
_atom_site.pdbx_PDB_ins_code 
_atom_site.Cartn_x 
_atom_site.Cartn_y 
_atom_site.Cartn_z 
_atom_site.occupancy 
_atom_site.B_iso_or_equiv 
_atom_site.pdbx_formal_charge 
_atom_site.auth_seq_id 
_atom_site.auth_comp_id 
_atom_site.auth_asym_id 
_atom_site.auth_atom_id 
_atom_site.pdbx_PDB_model_num 
ATOM   1   O "O5'"  . DC  A 1 1  ? 4.219   -7.162  12.413  1.00 0.00 ? 1   DC  A "O5'"  1 
ATOM   2   C "C5'"  . DC  A 1 1  ? 5.330   -6.971  13.261  1.00 0.00 ? 1   DC  A "C5'"  1 
ATOM   3   C "C4'"  . DC  A 1 1  ? 6.561   -6.519  12.482  1.00 0.00 ? 1   DC  A "C4'"  1 
ATOM   4   O "O4'"  . DC  A 1 1  ? 7.007   -7.487  11.558  1.00 0.00 ? 1   DC  A "O4'"  1 
ATOM   5   C "C3'"  . DC  A 1 1  ? 6.358   -5.213  11.721  1.00 0.00 ? 1   DC  A "C3'"  1 
ATOM   6   O "O3'"  . DC  A 1 1  ? 6.920   -4.106  12.391  1.00 0.00 ? 1   DC  A "O3'"  1 
ATOM   7   C "C2'"  . DC  A 1 1  ? 7.104   -5.521  10.426  1.00 0.00 ? 1   DC  A "C2'"  1 
ATOM   8   C "C1'"  . DC  A 1 1  ? 7.898   -6.792  10.714  1.00 0.00 ? 1   DC  A "C1'"  1 
ATOM   9   N N1     . DC  A 1 1  ? 8.199   -7.514  9.463   1.00 0.00 ? 1   DC  A N1     1 
ATOM   10  C C2     . DC  A 1 1  ? 9.488   -7.509  8.961   1.00 0.00 ? 1   DC  A C2     1 
ATOM   11  O O2     . DC  A 1 1  ? 10.391  -6.903  9.533   1.00 0.00 ? 1   DC  A O2     1 
ATOM   12  N N3     . DC  A 1 1  ? 9.816   -8.191  7.834   1.00 0.00 ? 1   DC  A N3     1 
ATOM   13  C C4     . DC  A 1 1  ? 8.798   -8.676  7.112   1.00 0.00 ? 1   DC  A C4     1 
ATOM   14  N N4     . DC  A 1 1  ? 9.153   -9.496  6.111   1.00 0.00 ? 1   DC  A N4     1 
ATOM   15  C C5     . DC  A 1 1  ? 7.435   -8.673  7.550   1.00 0.00 ? 1   DC  A C5     1 
ATOM   16  C C6     . DC  A 1 1  ? 7.190   -8.078  8.737   1.00 0.00 ? 1   DC  A C6     1 
ATOM   17  H "H5'"  . DC  A 1 1  ? 5.549   -7.908  13.772  1.00 0.00 ? 1   DC  A "H5'"  1 
ATOM   18  H "H5''" . DC  A 1 1  ? 5.076   -6.218  14.008  1.00 0.00 ? 1   DC  A "H5''" 1 
ATOM   19  H "H4'"  . DC  A 1 1  ? 7.383   -6.358  13.180  1.00 0.00 ? 1   DC  A "H4'"  1 
ATOM   20  H "H3'"  . DC  A 1 1  ? 5.290   -5.038  11.588  1.00 0.00 ? 1   DC  A "H3'"  1 
ATOM   21  H "H2'"  . DC  A 1 1  ? 6.401   -5.660  9.606   1.00 0.00 ? 1   DC  A "H2'"  1 
ATOM   22  H "H2''" . DC  A 1 1  ? 7.821   -4.762  10.115  1.00 0.00 ? 1   DC  A "H2''" 1 
ATOM   23  H "H1'"  . DC  A 1 1  ? 8.795   -6.580  11.297  1.00 0.00 ? 1   DC  A "H1'"  1 
ATOM   24  H H41    . DC  A 1 1  ? 10.143  -9.508  5.908   1.00 0.00 ? 1   DC  A H41    1 
ATOM   25  H H42    . DC  A 1 1  ? 8.441   -9.922  5.536   1.00 0.00 ? 1   DC  A H42    1 
ATOM   26  H H5     . DC  A 1 1  ? 6.639   -9.126  6.977   1.00 0.00 ? 1   DC  A H5     1 
ATOM   27  H H6     . DC  A 1 1  ? 6.190   -8.006  9.135   1.00 0.00 ? 1   DC  A H6     1 
ATOM   28  H "HO5'" . DC  A 1 1  ? 3.502   -7.548  12.923  1.00 0.00 ? 1   DC  A "HO5'" 1 
ATOM   29  P P      . DG  A 1 2  ? 6.598   -2.612  11.886  1.00 0.00 ? 2   DG  A P      1 
ATOM   30  O OP1    . DG  A 1 2  ? 6.328   -1.773  13.074  1.00 0.00 ? 2   DG  A OP1    1 
ATOM   31  O OP2    . DG  A 1 2  ? 5.613   -2.693  10.783  1.00 0.00 ? 2   DG  A OP2    1 
ATOM   32  O "O5'"  . DG  A 1 2  ? 7.981   -2.108  11.234  1.00 0.00 ? 2   DG  A "O5'"  1 
ATOM   33  C "C5'"  . DG  A 1 2  ? 9.113   -1.831  12.028  1.00 0.00 ? 2   DG  A "C5'"  1 
ATOM   34  C "C4'"  . DG  A 1 2  ? 10.272  -1.315  11.179  1.00 0.00 ? 2   DG  A "C4'"  1 
ATOM   35  O "O4'"  . DG  A 1 2  ? 10.606  -2.284  10.210  1.00 0.00 ? 2   DG  A "O4'"  1 
ATOM   36  C "C3'"  . DG  A 1 2  ? 9.936   -0.009  10.464  1.00 0.00 ? 2   DG  A "C3'"  1 
ATOM   37  O "O3'"  . DG  A 1 2  ? 11.090  0.799   10.402  1.00 0.00 ? 2   DG  A "O3'"  1 
ATOM   38  C "C2'"  . DG  A 1 2  ? 9.524   -0.529  9.089   1.00 0.00 ? 2   DG  A "C2'"  1 
ATOM   39  C "C1'"  . DG  A 1 2  ? 10.420  -1.753  8.917   1.00 0.00 ? 2   DG  A "C1'"  1 
ATOM   40  N N9     . DG  A 1 2  ? 9.885   -2.821  8.052   1.00 0.00 ? 2   DG  A N9     1 
ATOM   41  C C8     . DG  A 1 2  ? 8.634   -3.383  8.057   1.00 0.00 ? 2   DG  A C8     1 
ATOM   42  N N7     . DG  A 1 2  ? 8.536   -4.479  7.356   1.00 0.00 ? 2   DG  A N7     1 
ATOM   43  C C5     . DG  A 1 2  ? 9.795   -4.611  6.780   1.00 0.00 ? 2   DG  A C5     1 
ATOM   44  C C6     . DG  A 1 2  ? 10.313  -5.516  5.818   1.00 0.00 ? 2   DG  A C6     1 
ATOM   45  O O6     . DG  A 1 2  ? 9.766   -6.478  5.282   1.00 0.00 ? 2   DG  A O6     1 
ATOM   46  N N1     . DG  A 1 2  ? 11.612  -5.267  5.394   1.00 0.00 ? 2   DG  A N1     1 
ATOM   47  C C2     . DG  A 1 2  ? 12.322  -4.180  5.864   1.00 0.00 ? 2   DG  A C2     1 
ATOM   48  N N2     . DG  A 1 2  ? 13.513  -3.963  5.288   1.00 0.00 ? 2   DG  A N2     1 
ATOM   49  N N3     . DG  A 1 2  ? 11.873  -3.300  6.767   1.00 0.00 ? 2   DG  A N3     1 
ATOM   50  C C4     . DG  A 1 2  ? 10.613  -3.585  7.172   1.00 0.00 ? 2   DG  A C4     1 
ATOM   51  H "H5'"  . DG  A 1 2  ? 9.431   -2.740  12.539  1.00 0.00 ? 2   DG  A "H5'"  1 
ATOM   52  H "H5''" . DG  A 1 2  ? 8.877   -1.078  12.781  1.00 0.00 ? 2   DG  A "H5''" 1 
ATOM   53  H "H4'"  . DG  A 1 2  ? 11.134  -1.188  11.834  1.00 0.00 ? 2   DG  A "H4'"  1 
ATOM   54  H "H3'"  . DG  A 1 2  ? 9.121   0.517   10.960  1.00 0.00 ? 2   DG  A "H3'"  1 
ATOM   55  H "H2'"  . DG  A 1 2  ? 8.489   -0.868  9.079   1.00 0.00 ? 2   DG  A "H2'"  1 
ATOM   56  H "H2''" . DG  A 1 2  ? 9.502   0.196   8.276   1.00 0.00 ? 2   DG  A "H2''" 1 
ATOM   57  H "H1'"  . DG  A 1 2  ? 11.381  -1.411  8.533   1.00 0.00 ? 2   DG  A "H1'"  1 
ATOM   58  H H8     . DG  A 1 2  ? 7.827   -2.944  8.624   1.00 0.00 ? 2   DG  A H8     1 
ATOM   59  H H1     . DG  A 1 2  ? 11.998  -5.828  4.649   1.00 0.00 ? 2   DG  A H1     1 
ATOM   60  H H21    . DG  A 1 2  ? 13.794  -4.565  4.527   1.00 0.00 ? 2   DG  A H21    1 
ATOM   61  H H22    . DG  A 1 2  ? 13.908  -3.051  5.469   1.00 0.00 ? 2   DG  A H22    1 
ATOM   62  P P      . DC  A 1 3  ? 11.011  2.318   9.872   1.00 0.00 ? 3   DC  A P      1 
ATOM   63  O OP1    . DC  A 1 3  ? 12.207  3.051   10.339  1.00 0.00 ? 3   DC  A OP1    1 
ATOM   64  O OP2    . DC  A 1 3  ? 9.650   2.826   10.155  1.00 0.00 ? 3   DC  A OP2    1 
ATOM   65  O "O5'"  . DC  A 1 3  ? 11.132  2.111   8.280   1.00 0.00 ? 3   DC  A "O5'"  1 
ATOM   66  C "C5'"  . DC  A 1 3  ? 12.387  1.945   7.656   1.00 0.00 ? 3   DC  A "C5'"  1 
ATOM   67  C "C4'"  . DC  A 1 3  ? 12.219  1.621   6.174   1.00 0.00 ? 3   DC  A "C4'"  1 
ATOM   68  O "O4'"  . DC  A 1 3  ? 11.711  0.312   6.037   1.00 0.00 ? 3   DC  A "O4'"  1 
ATOM   69  C "C3'"  . DC  A 1 3  ? 11.268  2.604   5.498   1.00 0.00 ? 3   DC  A "C3'"  1 
ATOM   70  O "O3'"  . DC  A 1 3  ? 11.753  3.048   4.251   1.00 0.00 ? 3   DC  A "O3'"  1 
ATOM   71  C "C2'"  . DC  A 1 3  ? 10.083  1.664   5.288   1.00 0.00 ? 3   DC  A "C2'"  1 
ATOM   72  C "C1'"  . DC  A 1 3  ? 10.779  0.342   4.978   1.00 0.00 ? 3   DC  A "C1'"  1 
ATOM   73  N N1     . DC  A 1 3  ? 9.966   -0.881  4.845   1.00 0.00 ? 3   DC  A N1     1 
ATOM   74  C C2     . DC  A 1 3  ? 10.480  -1.908  4.075   1.00 0.00 ? 3   DC  A C2     1 
ATOM   75  O O2     . DC  A 1 3  ? 11.593  -1.822  3.561   1.00 0.00 ? 3   DC  A O2     1 
ATOM   76  N N3     . DC  A 1 3  ? 9.800   -3.056  3.818   1.00 0.00 ? 3   DC  A N3     1 
ATOM   77  C C4     . DC  A 1 3  ? 8.544   -3.111  4.279   1.00 0.00 ? 3   DC  A C4     1 
ATOM   78  N N4     . DC  A 1 3  ? 7.919   -4.285  4.116   1.00 0.00 ? 3   DC  A N4     1 
ATOM   79  C C5     . DC  A 1 3  ? 7.948   -2.094  5.094   1.00 0.00 ? 3   DC  A C5     1 
ATOM   80  C C6     . DC  A 1 3  ? 8.698   -0.997  5.335   1.00 0.00 ? 3   DC  A C6     1 
ATOM   81  H "H5'"  . DC  A 1 3  ? 12.951  1.143   8.130   1.00 0.00 ? 3   DC  A "H5'"  1 
ATOM   82  H "H5''" . DC  A 1 3  ? 12.957  2.869   7.744   1.00 0.00 ? 3   DC  A "H5''" 1 
ATOM   83  H "H4'"  . DC  A 1 3  ? 13.202  1.635   5.705   1.00 0.00 ? 3   DC  A "H4'"  1 
ATOM   84  H "H3'"  . DC  A 1 3  ? 11.078  3.485   6.110   1.00 0.00 ? 3   DC  A "H3'"  1 
ATOM   85  H "H2'"  . DC  A 1 3  ? 9.576   1.493   6.238   1.00 0.00 ? 3   DC  A "H2'"  1 
ATOM   86  H "H2''" . DC  A 1 3  ? 9.312   1.964   4.579   1.00 0.00 ? 3   DC  A "H2''" 1 
ATOM   87  H "H1'"  . DC  A 1 3  ? 11.356  0.503   4.067   1.00 0.00 ? 3   DC  A "H1'"  1 
ATOM   88  H H41    . DC  A 1 3  ? 8.392   -5.017  3.606   1.00 0.00 ? 3   DC  A H41    1 
ATOM   89  H H42    . DC  A 1 3  ? 6.972   -4.364  4.459   1.00 0.00 ? 3   DC  A H42    1 
ATOM   90  H H5     . DC  A 1 3  ? 6.923   -2.103  5.433   1.00 0.00 ? 3   DC  A H5     1 
ATOM   91  H H6     . DC  A 1 3  ? 8.165   -0.261  5.919   1.00 0.00 ? 3   DC  A H6     1 
ATOM   92  P P      . DG  A 1 4  ? 10.946  4.178   3.437   1.00 0.00 ? 4   DG  A P      1 
ATOM   93  O OP1    . DG  A 1 4  ? 10.809  5.341   4.343   1.00 0.00 ? 4   DG  A OP1    1 
ATOM   94  O OP2    . DG  A 1 4  ? 9.734   3.567   2.847   1.00 0.00 ? 4   DG  A OP2    1 
ATOM   95  O "O5'"  . DG  A 1 4  ? 11.931  4.603   2.237   1.00 0.00 ? 4   DG  A "O5'"  1 
ATOM   96  C "C5'"  . DG  A 1 4  ? 12.605  3.663   1.429   1.00 0.00 ? 4   DG  A "C5'"  1 
ATOM   97  C "C4'"  . DG  A 1 4  ? 11.728  2.807   0.522   1.00 0.00 ? 4   DG  A "C4'"  1 
ATOM   98  O "O4'"  . DG  A 1 4  ? 11.059  1.767   1.201   1.00 0.00 ? 4   DG  A "O4'"  1 
ATOM   99  C "C3'"  . DG  A 1 4  ? 10.690  3.569   -0.296  1.00 0.00 ? 4   DG  A "C3'"  1 
ATOM   100 O "O3'"  . DG  A 1 4  ? 11.246  3.949   -1.535  1.00 0.00 ? 4   DG  A "O3'"  1 
ATOM   101 C "C2'"  . DG  A 1 4  ? 9.571   2.536   -0.402  1.00 0.00 ? 4   DG  A "C2'"  1 
ATOM   102 C "C1'"  . DG  A 1 4  ? 10.117  1.280   0.271   1.00 0.00 ? 4   DG  A "C1'"  1 
ATOM   103 N N9     . DG  A 1 4  ? 9.110   0.386   0.873   1.00 0.00 ? 4   DG  A N9     1 
ATOM   104 C C8     . DG  A 1 4  ? 8.424   0.514   2.053   1.00 0.00 ? 4   DG  A C8     1 
ATOM   105 N N7     . DG  A 1 4  ? 7.761   -0.554  2.401   1.00 0.00 ? 4   DG  A N7     1 
ATOM   106 C C5     . DG  A 1 4  ? 7.946   -1.419  1.328   1.00 0.00 ? 4   DG  A C5     1 
ATOM   107 C C6     . DG  A 1 4  ? 7.401   -2.695  1.028   1.00 0.00 ? 4   DG  A C6     1 
ATOM   108 O O6     . DG  A 1 4  ? 6.635   -3.393  1.688   1.00 0.00 ? 4   DG  A O6     1 
ATOM   109 N N1     . DG  A 1 4  ? 7.769   -3.230  -0.199  1.00 0.00 ? 4   DG  A N1     1 
ATOM   110 C C2     . DG  A 1 4  ? 8.572   -2.529  -1.077  1.00 0.00 ? 4   DG  A C2     1 
ATOM   111 N N2     . DG  A 1 4  ? 8.621   -3.025  -2.321  1.00 0.00 ? 4   DG  A N2     1 
ATOM   112 N N3     . DG  A 1 4  ? 9.065   -1.304  -0.856  1.00 0.00 ? 4   DG  A N3     1 
ATOM   113 C C4     . DG  A 1 4  ? 8.726   -0.832  0.366   1.00 0.00 ? 4   DG  A C4     1 
ATOM   114 H "H5'"  . DG  A 1 4  ? 13.240  3.021   2.039   1.00 0.00 ? 4   DG  A "H5'"  1 
ATOM   115 H "H5''" . DG  A 1 4  ? 13.263  4.246   0.784   1.00 0.00 ? 4   DG  A "H5''" 1 
ATOM   116 H "H4'"  . DG  A 1 4  ? 12.396  2.315   -0.185  1.00 0.00 ? 4   DG  A "H4'"  1 
ATOM   117 H "H3'"  . DG  A 1 4  ? 10.303  4.414   0.273   1.00 0.00 ? 4   DG  A "H3'"  1 
ATOM   118 H "H2'"  . DG  A 1 4  ? 8.754   2.868   0.239   1.00 0.00 ? 4   DG  A "H2'"  1 
ATOM   119 H "H2''" . DG  A 1 4  ? 9.136   2.339   -1.382  1.00 0.00 ? 4   DG  A "H2''" 1 
ATOM   120 H "H1'"  . DG  A 1 4  ? 10.611  0.752   -0.545  1.00 0.00 ? 4   DG  A "H1'"  1 
ATOM   121 H H8     . DG  A 1 4  ? 8.444   1.413   2.650   1.00 0.00 ? 4   DG  A H8     1 
ATOM   122 H H1     . DG  A 1 4  ? 7.256   -4.030  -0.538  1.00 0.00 ? 4   DG  A H1     1 
ATOM   123 H H21    . DG  A 1 4  ? 8.056   -3.835  -2.539  1.00 0.00 ? 4   DG  A H21    1 
ATOM   124 H H22    . DG  A 1 4  ? 9.100   -2.461  -3.007  1.00 0.00 ? 4   DG  A H22    1 
ATOM   125 P P      . DT  A 1 5  ? 10.522  5.042   -2.469  1.00 0.00 ? 5   DT  A P      1 
ATOM   126 O OP1    . DT  A 1 5  ? 11.468  5.439   -3.536  1.00 0.00 ? 5   DT  A OP1    1 
ATOM   127 O OP2    . DT  A 1 5  ? 9.904   6.063   -1.593  1.00 0.00 ? 5   DT  A OP2    1 
ATOM   128 O "O5'"  . DT  A 1 5  ? 9.341   4.176   -3.138  1.00 0.00 ? 5   DT  A "O5'"  1 
ATOM   129 C "C5'"  . DT  A 1 5  ? 9.477   3.609   -4.422  1.00 0.00 ? 5   DT  A "C5'"  1 
ATOM   130 C "C4'"  . DT  A 1 5  ? 8.297   2.683   -4.700  1.00 0.00 ? 5   DT  A "C4'"  1 
ATOM   131 O "O4'"  . DT  A 1 5  ? 8.293   1.581   -3.819  1.00 0.00 ? 5   DT  A "O4'"  1 
ATOM   132 C "C3'"  . DT  A 1 5  ? 6.948   3.390   -4.611  1.00 0.00 ? 5   DT  A "C3'"  1 
ATOM   133 O "O3'"  . DT  A 1 5  ? 6.528   3.995   -5.814  1.00 0.00 ? 5   DT  A "O3'"  1 
ATOM   134 C "C2'"  . DT  A 1 5  ? 6.140   2.123   -4.351  1.00 0.00 ? 5   DT  A "C2'"  1 
ATOM   135 C "C1'"  . DT  A 1 5  ? 7.038   0.953   -3.959  1.00 0.00 ? 5   DT  A "C1'"  1 
ATOM   136 N N1     . DT  A 1 5  ? 6.570   0.376   -2.685  1.00 0.00 ? 5   DT  A N1     1 
ATOM   137 C C2     . DT  A 1 5  ? 5.900   -0.835  -2.668  1.00 0.00 ? 5   DT  A C2     1 
ATOM   138 O O2     . DT  A 1 5  ? 5.592   -1.470  -3.674  1.00 0.00 ? 5   DT  A O2     1 
ATOM   139 N N3     . DT  A 1 5  ? 5.469   -1.308  -1.436  1.00 0.00 ? 5   DT  A N3     1 
ATOM   140 C C4     . DT  A 1 5  ? 5.260   -0.463  -0.355  1.00 0.00 ? 5   DT  A C4     1 
ATOM   141 O O4     . DT  A 1 5  ? 4.596   -0.944  0.561   1.00 0.00 ? 5   DT  A O4     1 
ATOM   142 C C5     . DT  A 1 5  ? 5.810   0.866   -0.479  1.00 0.00 ? 5   DT  A C5     1 
ATOM   143 C C7     . DT  A 1 5  ? 5.641   1.923   0.586   1.00 0.00 ? 5   DT  A C7     1 
ATOM   144 C C6     . DT  A 1 5  ? 6.434   1.222   -1.622  1.00 0.00 ? 5   DT  A C6     1 
ATOM   145 H "H5'"  . DT  A 1 5  ? 10.396  3.027   -4.491  1.00 0.00 ? 5   DT  A "H5'"  1 
ATOM   146 H "H5''" . DT  A 1 5  ? 9.498   4.396   -5.176  1.00 0.00 ? 5   DT  A "H5''" 1 
ATOM   147 H "H4'"  . DT  A 1 5  ? 8.288   2.265   -5.706  1.00 0.00 ? 5   DT  A "H4'"  1 
ATOM   148 H "H3'"  . DT  A 1 5  ? 6.988   4.136   -3.818  1.00 0.00 ? 5   DT  A "H3'"  1 
ATOM   149 H "H2'"  . DT  A 1 5  ? 5.309   2.252   -3.657  1.00 0.00 ? 5   DT  A "H2'"  1 
ATOM   150 H "H2''" . DT  A 1 5  ? 5.589   1.796   -5.233  1.00 0.00 ? 5   DT  A "H2''" 1 
ATOM   151 H "H1'"  . DT  A 1 5  ? 7.051   0.225   -4.770  1.00 0.00 ? 5   DT  A "H1'"  1 
ATOM   152 H H3     . DT  A 1 5  ? 4.789   -2.054  -1.481  1.00 0.00 ? 5   DT  A H3     1 
ATOM   153 H H71    . DT  A 1 5  ? 4.672   2.407   0.469   1.00 0.00 ? 5   DT  A H71    1 
ATOM   154 H H72    . DT  A 1 5  ? 5.671   1.476   1.579   1.00 0.00 ? 5   DT  A H72    1 
ATOM   155 H H73    . DT  A 1 5  ? 6.406   2.699   0.542   1.00 0.00 ? 5   DT  A H73    1 
ATOM   156 H H6     . DT  A 1 5  ? 6.717   2.243   -1.832  1.00 0.00 ? 5   DT  A H6     1 
ATOM   157 P P      . DT  A 1 6  ? 5.117   4.768   -5.873  1.00 0.00 ? 6   DT  A P      1 
ATOM   158 O OP1    . DT  A 1 6  ? 5.077   5.565   -7.119  1.00 0.00 ? 6   DT  A OP1    1 
ATOM   159 O OP2    . DT  A 1 6  ? 4.884   5.406   -4.557  1.00 0.00 ? 6   DT  A OP2    1 
ATOM   160 O "O5'"  . DT  A 1 6  ? 4.030   3.591   -6.035  1.00 0.00 ? 6   DT  A "O5'"  1 
ATOM   161 C "C5'"  . DT  A 1 6  ? 3.860   2.923   -7.265  1.00 0.00 ? 6   DT  A "C5'"  1 
ATOM   162 C "C4'"  . DT  A 1 6  ? 2.967   1.691   -7.149  1.00 0.00 ? 6   DT  A "C4'"  1 
ATOM   163 O "O4'"  . DT  A 1 6  ? 3.586   0.762   -6.287  1.00 0.00 ? 6   DT  A "O4'"  1 
ATOM   164 C "C3'"  . DT  A 1 6  ? 1.453   1.785   -6.979  1.00 0.00 ? 6   DT  A "C3'"  1 
ATOM   165 C "C2'"  . DT  A 1 6  ? 1.363   0.333   -6.519  1.00 0.00 ? 6   DT  A "C2'"  1 
ATOM   166 C "C1'"  . DT  A 1 6  ? 2.616   -0.128  -5.781  1.00 0.00 ? 6   DT  A "C1'"  1 
ATOM   167 N N1     . DT  A 1 6  ? 2.568   -0.058  -4.309  1.00 0.00 ? 6   DT  A N1     1 
ATOM   168 C C2     . DT  A 1 6  ? 2.072   -1.153  -3.623  1.00 0.00 ? 6   DT  A C2     1 
ATOM   169 O O2     . DT  A 1 6  ? 1.579   -2.138  -4.167  1.00 0.00 ? 6   DT  A O2     1 
ATOM   170 N N3     . DT  A 1 6  ? 2.067   -1.115  -2.235  1.00 0.00 ? 6   DT  A N3     1 
ATOM   171 C C4     . DT  A 1 6  ? 1.990   0.093   -1.555  1.00 0.00 ? 6   DT  A C4     1 
ATOM   172 O O4     . DT  A 1 6  ? 1.499   0.064   -0.429  1.00 0.00 ? 6   DT  A O4     1 
ATOM   173 C C5     . DT  A 1 6  ? 2.413   1.242   -2.320  1.00 0.00 ? 6   DT  A C5     1 
ATOM   174 C C7     . DT  A 1 6  ? 2.544   2.609   -1.692  1.00 0.00 ? 6   DT  A C7     1 
ATOM   175 C C6     . DT  A 1 6  ? 2.662   1.129   -3.642  1.00 0.00 ? 6   DT  A C6     1 
ATOM   176 H "H5'"  . DT  A 1 6  ? 4.827   2.565   -7.615  1.00 0.00 ? 6   DT  A "H5'"  1 
ATOM   177 H "H5''" . DT  A 1 6  ? 3.505   3.640   -8.005  1.00 0.00 ? 6   DT  A "H5''" 1 
ATOM   178 H "H4'"  . DT  A 1 6  ? 2.942   1.139   -8.089  1.00 0.00 ? 6   DT  A "H4'"  1 
ATOM   179 H "H3'"  . DT  A 1 6  ? 0.871   2.189   -6.150  1.00 0.00 ? 6   DT  A "H3'"  1 
ATOM   180 H "H2'"  . DT  A 1 6  ? 0.785   0.248   -5.598  1.00 0.00 ? 6   DT  A "H2'"  1 
ATOM   181 H "H2''" . DT  A 1 6  ? 1.054   -0.442  -7.221  1.00 0.00 ? 6   DT  A "H2''" 1 
ATOM   182 H "H1'"  . DT  A 1 6  ? 2.674   -1.165  -6.113  1.00 0.00 ? 6   DT  A "H1'"  1 
ATOM   183 H H3     . DT  A 1 6  ? 1.462   -1.801  -1.807  1.00 0.00 ? 6   DT  A H3     1 
ATOM   184 H H71    . DT  A 1 6  ? 1.893   3.336   -2.178  1.00 0.00 ? 6   DT  A H71    1 
ATOM   185 H H72    . DT  A 1 6  ? 2.267   2.585   -0.638  1.00 0.00 ? 6   DT  A H72    1 
ATOM   186 H H73    . DT  A 1 6  ? 3.573   2.965   -1.741  1.00 0.00 ? 6   DT  A H73    1 
ATOM   187 H H6     . DT  A 1 6  ? 2.843   2.030   -4.210  1.00 0.00 ? 6   DT  A H6     1 
HETATM 188 C C3X    . MMT A 1 7  ? 0.794   2.457   -8.180  1.00 0.00 ? 7   MMT A C3X    1 
HETATM 189 N NP     . MMT A 1 7  ? -0.280  1.696   -8.806  1.00 0.00 ? 7   MMT A NP     1 
HETATM 190 C CP     . MMT A 1 7  ? 0.294   1.203   -10.053 1.00 0.00 ? 7   MMT A CP     1 
HETATM 191 O "O5'"  . MMT A 1 7  ? -0.971  0.529   -8.202  1.00 0.00 ? 7   MMT A "O5'"  1 
HETATM 192 C "C5'"  . MMT A 1 7  ? -1.743  -0.454  -8.854  1.00 0.00 ? 7   MMT A "C5'"  1 
HETATM 193 C "C4'"  . MMT A 1 7  ? -2.283  -1.512  -7.895  1.00 0.00 ? 7   MMT A "C4'"  1 
HETATM 194 O "O4'"  . MMT A 1 7  ? -1.602  -1.541  -6.661  1.00 0.00 ? 7   MMT A "O4'"  1 
HETATM 195 C "C1'"  . MMT A 1 7  ? -2.479  -2.066  -5.691  1.00 0.00 ? 7   MMT A "C1'"  1 
HETATM 196 C "C2'"  . MMT A 1 7  ? -3.841  -2.163  -6.373  1.00 0.00 ? 7   MMT A "C2'"  1 
HETATM 197 C "C3'"  . MMT A 1 7  ? -3.798  -1.453  -7.724  1.00 0.00 ? 7   MMT A "C3'"  1 
HETATM 198 O "O3'"  . MMT A 1 7  ? -4.344  -2.093  -8.856  1.00 0.00 ? 7   MMT A "O3'"  1 
HETATM 199 N N1     . MMT A 1 7  ? -2.515  -1.111  -4.566  1.00 0.00 ? 7   MMT A N1     1 
HETATM 200 C C2     . MMT A 1 7  ? -2.247  -1.622  -3.309  1.00 0.00 ? 7   MMT A C2     1 
HETATM 201 N N3     . MMT A 1 7  ? -1.566  -0.813  -2.411  1.00 0.00 ? 7   MMT A N3     1 
HETATM 202 C C4     . MMT A 1 7  ? -1.575  0.569   -2.543  1.00 0.00 ? 7   MMT A C4     1 
HETATM 203 C C5     . MMT A 1 7  ? -1.857  1.055   -3.873  1.00 0.00 ? 7   MMT A C5     1 
HETATM 204 C C6     . MMT A 1 7  ? -2.388  0.228   -4.799  1.00 0.00 ? 7   MMT A C6     1 
HETATM 205 O O2     . MMT A 1 7  ? -2.571  -2.757  -2.968  1.00 0.00 ? 7   MMT A O2     1 
HETATM 206 O O4     . MMT A 1 7  ? -1.384  1.212   -1.513  1.00 0.00 ? 7   MMT A O4     1 
HETATM 207 C C5M    . MMT A 1 7  ? -1.522  2.463   -4.303  1.00 0.00 ? 7   MMT A C5M    1 
HETATM 208 H HC31   . MMT A 1 7  ? 0.585   3.522   -8.083  1.00 0.00 ? 7   MMT A HC31   1 
HETATM 209 H HC32   . MMT A 1 7  ? 1.571   2.742   -8.889  1.00 0.00 ? 7   MMT A HC32   1 
HETATM 210 H HNP1   . MMT A 1 7  ? -0.524  0.738   -10.602 1.00 0.00 ? 7   MMT A HNP1   1 
HETATM 211 H HNP2   . MMT A 1 7  ? 1.076   0.514   -9.735  1.00 0.00 ? 7   MMT A HNP2   1 
HETATM 212 H HNP3   . MMT A 1 7  ? 0.672   2.077   -10.586 1.00 0.00 ? 7   MMT A HNP3   1 
HETATM 213 H "H5'"  . MMT A 1 7  ? -1.290  -1.103  -9.604  1.00 0.00 ? 7   MMT A "H5'"  1 
HETATM 214 H "H5''" . MMT A 1 7  ? -2.633  -0.075  -9.356  1.00 0.00 ? 7   MMT A "H5''" 1 
HETATM 215 H "H4'"  . MMT A 1 7  ? -2.125  -2.534  -8.239  1.00 0.00 ? 7   MMT A "H4'"  1 
HETATM 216 H "H1'"  . MMT A 1 7  ? -2.137  -3.063  -5.413  1.00 0.00 ? 7   MMT A "H1'"  1 
HETATM 217 H "H2'"  . MMT A 1 7  ? -4.580  -2.711  -5.789  1.00 0.00 ? 7   MMT A "H2'"  1 
HETATM 218 H "H2''" . MMT A 1 7  ? -3.916  -3.101  -6.923  1.00 0.00 ? 7   MMT A "H2''" 1 
HETATM 219 H "H3'"  . MMT A 1 7  ? -4.088  -0.403  -7.683  1.00 0.00 ? 7   MMT A "H3'"  1 
HETATM 220 H H3     . MMT A 1 7  ? -1.704  -1.089  -1.449  1.00 0.00 ? 7   MMT A H3     1 
HETATM 221 H H6     . MMT A 1 7  ? -2.735  0.587   -5.757  1.00 0.00 ? 7   MMT A H6     1 
HETATM 222 H H71    . MMT A 1 7  ? -0.612  2.796   -3.804  1.00 0.00 ? 7   MMT A H71    1 
HETATM 223 H H72    . MMT A 1 7  ? -1.368  2.529   -5.380  1.00 0.00 ? 7   MMT A H72    1 
HETATM 224 H H73    . MMT A 1 7  ? -2.341  3.128   -4.027  1.00 0.00 ? 7   MMT A H73    1 
ATOM   225 P P      . DT  A 1 8  ? -5.919  -2.355  -9.058  1.00 0.00 ? 8   DT  A P      1 
ATOM   226 O OP1    . DT  A 1 8  ? -6.081  -3.114  -10.318 1.00 0.00 ? 8   DT  A OP1    1 
ATOM   227 O OP2    . DT  A 1 8  ? -6.634  -1.073  -8.865  1.00 0.00 ? 8   DT  A OP2    1 
ATOM   228 O "O5'"  . DT  A 1 8  ? -6.323  -3.348  -7.857  1.00 0.00 ? 8   DT  A "O5'"  1 
ATOM   229 C "C5'"  . DT  A 1 8  ? -6.017  -4.725  -7.867  1.00 0.00 ? 8   DT  A "C5'"  1 
ATOM   230 C "C4'"  . DT  A 1 8  ? -6.518  -5.406  -6.596  1.00 0.00 ? 8   DT  A "C4'"  1 
ATOM   231 O "O4'"  . DT  A 1 8  ? -6.074  -4.699  -5.459  1.00 0.00 ? 8   DT  A "O4'"  1 
ATOM   232 C "C3'"  . DT  A 1 8  ? -8.039  -5.509  -6.545  1.00 0.00 ? 8   DT  A "C3'"  1 
ATOM   233 O "O3'"  . DT  A 1 8  ? -8.428  -6.624  -5.775  1.00 0.00 ? 8   DT  A "O3'"  1 
ATOM   234 C "C2'"  . DT  A 1 8  ? -8.305  -4.191  -5.824  1.00 0.00 ? 8   DT  A "C2'"  1 
ATOM   235 C "C1'"  . DT  A 1 8  ? -7.194  -4.176  -4.778  1.00 0.00 ? 8   DT  A "C1'"  1 
ATOM   236 N N1     . DT  A 1 8  ? -6.854  -2.856  -4.213  1.00 0.00 ? 8   DT  A N1     1 
ATOM   237 C C2     . DT  A 1 8  ? -6.372  -2.771  -2.920  1.00 0.00 ? 8   DT  A C2     1 
ATOM   238 O O2     . DT  A 1 8  ? -6.545  -3.625  -2.053  1.00 0.00 ? 8   DT  A O2     1 
ATOM   239 N N3     . DT  A 1 8  ? -5.641  -1.643  -2.575  1.00 0.00 ? 8   DT  A N3     1 
ATOM   240 C C4     . DT  A 1 8  ? -5.477  -0.535  -3.396  1.00 0.00 ? 8   DT  A C4     1 
ATOM   241 O O4     . DT  A 1 8  ? -4.844  0.409   -2.926  1.00 0.00 ? 8   DT  A O4     1 
ATOM   242 C C5     . DT  A 1 8  ? -6.049  -0.661  -4.716  1.00 0.00 ? 8   DT  A C5     1 
ATOM   243 C C7     . DT  A 1 8  ? -5.895  0.398   -5.780  1.00 0.00 ? 8   DT  A C7     1 
ATOM   244 C C6     . DT  A 1 8  ? -6.739  -1.777  -5.039  1.00 0.00 ? 8   DT  A C6     1 
ATOM   245 H "H5'"  . DT  A 1 8  ? -4.938  -4.865  -7.930  1.00 0.00 ? 8   DT  A "H5'"  1 
ATOM   246 H "H5''" . DT  A 1 8  ? -6.469  -5.211  -8.731  1.00 0.00 ? 8   DT  A "H5''" 1 
ATOM   247 H "H4'"  . DT  A 1 8  ? -6.126  -6.422  -6.541  1.00 0.00 ? 8   DT  A "H4'"  1 
ATOM   248 H "H3'"  . DT  A 1 8  ? -8.472  -5.555  -7.545  1.00 0.00 ? 8   DT  A "H3'"  1 
ATOM   249 H "H2'"  . DT  A 1 8  ? -8.317  -3.391  -6.564  1.00 0.00 ? 8   DT  A "H2'"  1 
ATOM   250 H "H2''" . DT  A 1 8  ? -9.290  -4.144  -5.361  1.00 0.00 ? 8   DT  A "H2''" 1 
ATOM   251 H "H1'"  . DT  A 1 8  ? -7.437  -4.882  -3.984  1.00 0.00 ? 8   DT  A "H1'"  1 
ATOM   252 H H3     . DT  A 1 8  ? -5.417  -1.473  -1.605  1.00 0.00 ? 8   DT  A H3     1 
ATOM   253 H H71    . DT  A 1 8  ? -6.043  0.014   -6.790  1.00 0.00 ? 8   DT  A H71    1 
ATOM   254 H H72    . DT  A 1 8  ? -6.631  1.192   -5.651  1.00 0.00 ? 8   DT  A H72    1 
ATOM   255 H H73    . DT  A 1 8  ? -4.913  0.869   -5.754  1.00 0.00 ? 8   DT  A H73    1 
ATOM   256 H H6     . DT  A 1 8  ? -7.168  -1.877  -6.025  1.00 0.00 ? 8   DT  A H6     1 
ATOM   257 P P      . DG  A 1 9  ? -9.976  -7.049  -5.647  1.00 0.00 ? 9   DG  A P      1 
ATOM   258 O OP1    . DG  A 1 9  ? -10.050 -8.356  -4.957  1.00 0.00 ? 9   DG  A OP1    1 
ATOM   259 O OP2    . DG  A 1 9  ? -10.605 -6.843  -6.971  1.00 0.00 ? 9   DG  A OP2    1 
ATOM   260 O "O5'"  . DG  A 1 9  ? -10.548 -5.922  -4.649  1.00 0.00 ? 9   DG  A "O5'"  1 
ATOM   261 C "C5'"  . DG  A 1 9  ? -10.124 -5.860  -3.305  1.00 0.00 ? 9   DG  A "C5'"  1 
ATOM   262 C "C4'"  . DG  A 1 9  ? -10.375 -4.491  -2.680  1.00 0.00 ? 9   DG  A "C4'"  1 
ATOM   263 O "O4'"  . DG  A 1 9  ? -9.620  -3.395  -3.146  1.00 0.00 ? 9   DG  A "O4'"  1 
ATOM   264 C "C3'"  . DG  A 1 9  ? -11.838 -4.056  -2.717  1.00 0.00 ? 9   DG  A "C3'"  1 
ATOM   265 O "O3'"  . DG  A 1 9  ? -12.419 -4.294  -1.454  1.00 0.00 ? 9   DG  A "O3'"  1 
ATOM   266 C "C2'"  . DG  A 1 9  ? -11.725 -2.566  -3.026  1.00 0.00 ? 9   DG  A "C2'"  1 
ATOM   267 C "C1'"  . DG  A 1 9  ? -10.284 -2.269  -2.620  1.00 0.00 ? 9   DG  A "C1'"  1 
ATOM   268 N N9     . DG  A 1 9  ? -9.725  -1.008  -3.143  1.00 0.00 ? 9   DG  A N9     1 
ATOM   269 C C8     . DG  A 1 9  ? -9.789  -0.513  -4.420  1.00 0.00 ? 9   DG  A C8     1 
ATOM   270 N N7     . DG  A 1 9  ? -9.108  0.587   -4.593  1.00 0.00 ? 9   DG  A N7     1 
ATOM   271 C C5     . DG  A 1 9  ? -8.590  0.857   -3.330  1.00 0.00 ? 9   DG  A C5     1 
ATOM   272 C C6     . DG  A 1 9  ? -7.810  1.931   -2.826  1.00 0.00 ? 9   DG  A C6     1 
ATOM   273 O O6     . DG  A 1 9  ? -7.152  2.791   -3.406  1.00 0.00 ? 9   DG  A O6     1 
ATOM   274 N N1     . DG  A 1 9  ? -7.832  2.055   -1.444  1.00 0.00 ? 9   DG  A N1     1 
ATOM   275 C C2     . DG  A 1 9  ? -8.313  1.054   -0.623  1.00 0.00 ? 9   DG  A C2     1 
ATOM   276 N N2     . DG  A 1 9  ? -8.360  1.379   0.676   1.00 0.00 ? 9   DG  A N2     1 
ATOM   277 N N3     . DG  A 1 9  ? -8.928  -0.049  -1.071  1.00 0.00 ? 9   DG  A N3     1 
ATOM   278 C C4     . DG  A 1 9  ? -9.038  -0.063  -2.419  1.00 0.00 ? 9   DG  A C4     1 
ATOM   279 H "H5'"  . DG  A 1 9  ? -9.064  -6.094  -3.201  1.00 0.00 ? 9   DG  A "H5'"  1 
ATOM   280 H "H5''" . DG  A 1 9  ? -10.679 -6.607  -2.737  1.00 0.00 ? 9   DG  A "H5''" 1 
ATOM   281 H "H4'"  . DG  A 1 9  ? -9.988  -4.557  -1.663  1.00 0.00 ? 9   DG  A "H4'"  1 
ATOM   282 H "H3'"  . DG  A 1 9  ? -12.380 -4.615  -3.479  1.00 0.00 ? 9   DG  A "H3'"  1 
ATOM   283 H "H2'"  . DG  A 1 9  ? -11.772 -2.257  -4.070  1.00 0.00 ? 9   DG  A "H2'"  1 
ATOM   284 H "H2''" . DG  A 1 9  ? -12.467 -1.951  -2.518  1.00 0.00 ? 9   DG  A "H2''" 1 
ATOM   285 H "H1'"  . DG  A 1 9  ? -10.284 -2.258  -1.530  1.00 0.00 ? 9   DG  A "H1'"  1 
ATOM   286 H H8     . DG  A 1 9  ? -10.371 -1.003  -5.186  1.00 0.00 ? 9   DG  A H8     1 
ATOM   287 H H1     . DG  A 1 9  ? -7.457  2.895   -1.026  1.00 0.00 ? 9   DG  A H1     1 
ATOM   288 H H21    . DG  A 1 9  ? -8.014  2.280   0.973   1.00 0.00 ? 9   DG  A H21    1 
ATOM   289 H H22    . DG  A 1 9  ? -8.749  0.689   1.301   1.00 0.00 ? 9   DG  A H22    1 
ATOM   290 P P      . DC  A 1 10 ? -13.980 -3.996  -1.195  1.00 0.00 ? 10  DC  A P      1 
ATOM   291 O OP1    . DC  A 1 10 ? -14.442 -4.865  -0.090  1.00 0.00 ? 10  DC  A OP1    1 
ATOM   292 O OP2    . DC  A 1 10 ? -14.670 -4.001  -2.504  1.00 0.00 ? 10  DC  A OP2    1 
ATOM   293 O "O5'"  . DC  A 1 10 ? -13.942 -2.478  -0.659  1.00 0.00 ? 10  DC  A "O5'"  1 
ATOM   294 C "C5'"  . DC  A 1 10 ? -13.590 -2.188  0.676   1.00 0.00 ? 10  DC  A "C5'"  1 
ATOM   295 C "C4'"  . DC  A 1 10 ? -13.473 -0.687  0.926   1.00 0.00 ? 10  DC  A "C4'"  1 
ATOM   296 O "O4'"  . DC  A 1 10 ? -12.382 -0.113  0.241   1.00 0.00 ? 10  DC  A "O4'"  1 
ATOM   297 C "C3'"  . DC  A 1 10 ? -14.707 0.122   0.539   1.00 0.00 ? 10  DC  A "C3'"  1 
ATOM   298 O "O3'"  . DC  A 1 10 ? -15.405 0.531   1.694   1.00 0.00 ? 10  DC  A "O3'"  1 
ATOM   299 C "C2'"  . DC  A 1 10 ? -14.100 1.298   -0.219  1.00 0.00 ? 10  DC  A "C2'"  1 
ATOM   300 C "C1'"  . DC  A 1 10 ? -12.645 1.272   0.242   1.00 0.00 ? 10  DC  A "C1'"  1 
ATOM   301 N N1     . DC  A 1 10 ? -11.760 2.003   -0.686  1.00 0.00 ? 10  DC  A N1     1 
ATOM   302 C C2     . DC  A 1 10 ? -11.103 3.151   -0.280  1.00 0.00 ? 10  DC  A C2     1 
ATOM   303 O O2     . DC  A 1 10 ? -11.112 3.512   0.895   1.00 0.00 ? 10  DC  A O2     1 
ATOM   304 N N3     . DC  A 1 10 ? -10.434 3.945   -1.155  1.00 0.00 ? 10  DC  A N3     1 
ATOM   305 C C4     . DC  A 1 10 ? -10.582 3.668   -2.457  1.00 0.00 ? 10  DC  A C4     1 
ATOM   306 N N4     . DC  A 1 10 ? -9.724  4.302   -3.268  1.00 0.00 ? 10  DC  A N4     1 
ATOM   307 C C5     . DC  A 1 10 ? -11.265 2.504   -2.939  1.00 0.00 ? 10  DC  A C5     1 
ATOM   308 C C6     . DC  A 1 10 ? -11.800 1.681   -2.012  1.00 0.00 ? 10  DC  A C6     1 
ATOM   309 H "H5'"  . DC  A 1 10 ? -12.635 -2.651  0.924   1.00 0.00 ? 10  DC  A "H5'"  1 
ATOM   310 H "H5''" . DC  A 1 10 ? -14.352 -2.586  1.345   1.00 0.00 ? 10  DC  A "H5''" 1 
ATOM   311 H "H4'"  . DC  A 1 10 ? -13.280 -0.562  1.992   1.00 0.00 ? 10  DC  A "H4'"  1 
ATOM   312 H "H3'"  . DC  A 1 10 ? -15.373 -0.527  -0.029  1.00 0.00 ? 10  DC  A "H3'"  1 
ATOM   313 H "H2'"  . DC  A 1 10 ? -14.232 1.226   -1.297  1.00 0.00 ? 10  DC  A "H2'"  1 
ATOM   314 H "H2''" . DC  A 1 10 ? -14.471 2.304   -0.020  1.00 0.00 ? 10  DC  A "H2''" 1 
ATOM   315 H "H1'"  . DC  A 1 10 ? -12.561 1.637   1.265   1.00 0.00 ? 10  DC  A "H1'"  1 
ATOM   316 H H41    . DC  A 1 10 ? -9.055  4.917   -2.825  1.00 0.00 ? 10  DC  A H41    1 
ATOM   317 H H42    . DC  A 1 10 ? -9.580  3.920   -4.191  1.00 0.00 ? 10  DC  A H42    1 
ATOM   318 H H5     . DC  A 1 10 ? -11.462 2.248   -3.970  1.00 0.00 ? 10  DC  A H5     1 
ATOM   319 H H6     . DC  A 1 10 ? -12.284 0.789   -2.380  1.00 0.00 ? 10  DC  A H6     1 
ATOM   320 P P      . DG  A 1 11 ? -16.856 1.217   1.577   1.00 0.00 ? 11  DG  A P      1 
ATOM   321 O OP1    . DG  A 1 11 ? -17.609 0.924   2.818   1.00 0.00 ? 11  DG  A OP1    1 
ATOM   322 O OP2    . DG  A 1 11 ? -17.421 0.897   0.247   1.00 0.00 ? 11  DG  A OP2    1 
ATOM   323 O "O5'"  . DG  A 1 11 ? -16.463 2.779   1.594   1.00 0.00 ? 11  DG  A "O5'"  1 
ATOM   324 C "C5'"  . DG  A 1 11 ? -15.875 3.355   2.738   1.00 0.00 ? 11  DG  A "C5'"  1 
ATOM   325 C "C4'"  . DG  A 1 11 ? -15.260 4.714   2.420   1.00 0.00 ? 11  DG  A "C4'"  1 
ATOM   326 O "O4'"  . DG  A 1 11 ? -14.322 4.588   1.375   1.00 0.00 ? 11  DG  A "O4'"  1 
ATOM   327 C "C3'"  . DG  A 1 11 ? -16.279 5.779   2.022   1.00 0.00 ? 11  DG  A "C3'"  1 
ATOM   328 O "O3'"  . DG  A 1 11 ? -16.168 6.882   2.894   1.00 0.00 ? 11  DG  A "O3'"  1 
ATOM   329 C "C2'"  . DG  A 1 11 ? -15.815 6.164   0.619   1.00 0.00 ? 11  DG  A "C2'"  1 
ATOM   330 C "C1'"  . DG  A 1 11 ? -14.330 5.821   0.691   1.00 0.00 ? 11  DG  A "C1'"  1 
ATOM   331 N N9     . DG  A 1 11 ? -13.670 5.735   -0.626  1.00 0.00 ? 11  DG  A N9     1 
ATOM   332 C C8     . DG  A 1 11 ? -13.952 4.930   -1.699  1.00 0.00 ? 11  DG  A C8     1 
ATOM   333 N N7     . DG  A 1 11 ? -13.221 5.175   -2.750  1.00 0.00 ? 11  DG  A N7     1 
ATOM   334 C C5     . DG  A 1 11 ? -12.382 6.207   -2.340  1.00 0.00 ? 11  DG  A C5     1 
ATOM   335 C C6     . DG  A 1 11 ? -11.378 6.950   -3.013  1.00 0.00 ? 11  DG  A C6     1 
ATOM   336 O O6     . DG  A 1 11 ? -10.946 6.839   -4.159  1.00 0.00 ? 11  DG  A O6     1 
ATOM   337 N N1     . DG  A 1 11 ? -10.834 8.001   -2.288  1.00 0.00 ? 11  DG  A N1     1 
ATOM   338 C C2     . DG  A 1 11 ? -11.183 8.245   -0.975  1.00 0.00 ? 11  DG  A C2     1 
ATOM   339 N N2     . DG  A 1 11 ? -10.726 9.397   -0.466  1.00 0.00 ? 11  DG  A N2     1 
ATOM   340 N N3     . DG  A 1 11 ? -12.126 7.566   -0.309  1.00 0.00 ? 11  DG  A N3     1 
ATOM   341 C C4     . DG  A 1 11 ? -12.654 6.561   -1.044  1.00 0.00 ? 11  DG  A C4     1 
ATOM   342 H "H5'"  . DG  A 1 11 ? -15.071 2.722   3.115   1.00 0.00 ? 11  DG  A "H5'"  1 
ATOM   343 H "H5''" . DG  A 1 11 ? -16.621 3.466   3.526   1.00 0.00 ? 11  DG  A "H5''" 1 
ATOM   344 H "H4'"  . DG  A 1 11 ? -14.721 5.041   3.309   1.00 0.00 ? 11  DG  A "H4'"  1 
ATOM   345 H "H3'"  . DG  A 1 11 ? -17.292 5.382   2.076   1.00 0.00 ? 11  DG  A "H3'"  1 
ATOM   346 H "H2'"  . DG  A 1 11 ? -16.187 5.586   -0.227  1.00 0.00 ? 11  DG  A "H2'"  1 
ATOM   347 H "H2''" . DG  A 1 11 ? -15.990 7.221   0.417   1.00 0.00 ? 11  DG  A "H2''" 1 
ATOM   348 H "H1'"  . DG  A 1 11 ? -13.885 6.602   1.308   1.00 0.00 ? 11  DG  A "H1'"  1 
ATOM   349 H H8     . DG  A 1 11 ? -14.727 4.177   -1.707  1.00 0.00 ? 11  DG  A H8     1 
ATOM   350 H H1     . DG  A 1 11 ? -10.219 8.642   -2.769  1.00 0.00 ? 11  DG  A H1     1 
ATOM   351 H H21    . DG  A 1 11 ? -10.097 9.968   -1.013  1.00 0.00 ? 11  DG  A H21    1 
ATOM   352 H H22    . DG  A 1 11 ? -11.030 9.620   0.471   1.00 0.00 ? 11  DG  A H22    1 
ATOM   353 P P      . DC  A 1 12 ? -17.127 8.168   2.760   1.00 0.00 ? 12  DC  A P      1 
ATOM   354 O OP1    . DC  A 1 12 ? -17.313 8.741   4.112   1.00 0.00 ? 12  DC  A OP1    1 
ATOM   355 O OP2    . DC  A 1 12 ? -18.298 7.770   1.947   1.00 0.00 ? 12  DC  A OP2    1 
ATOM   356 O "O5'"  . DC  A 1 12 ? -16.255 9.210   1.897   1.00 0.00 ? 12  DC  A "O5'"  1 
ATOM   357 C "C5'"  . DC  A 1 12 ? -15.161 9.888   2.473   1.00 0.00 ? 12  DC  A "C5'"  1 
ATOM   358 C "C4'"  . DC  A 1 12 ? -14.484 10.854  1.506   1.00 0.00 ? 12  DC  A "C4'"  1 
ATOM   359 O "O4'"  . DC  A 1 12 ? -13.840 10.187  0.444   1.00 0.00 ? 12  DC  A "O4'"  1 
ATOM   360 C "C3'"  . DC  A 1 12 ? -15.428 11.883  0.891   1.00 0.00 ? 12  DC  A "C3'"  1 
ATOM   361 O "O3'"  . DC  A 1 12 ? -15.012 13.199  1.184   1.00 0.00 ? 12  DC  A "O3'"  1 
ATOM   362 C "C2'"  . DC  A 1 12 ? -15.260 11.637  -0.607  1.00 0.00 ? 12  DC  A "C2'"  1 
ATOM   363 C "C1'"  . DC  A 1 12 ? -13.842 11.073  -0.654  1.00 0.00 ? 12  DC  A "C1'"  1 
ATOM   364 N N1     . DC  A 1 12 ? -13.560 10.381  -1.925  1.00 0.00 ? 12  DC  A N1     1 
ATOM   365 C C2     . DC  A 1 12 ? -12.642 10.902  -2.819  1.00 0.00 ? 12  DC  A C2     1 
ATOM   366 O O2     . DC  A 1 12 ? -12.017 11.931  -2.576  1.00 0.00 ? 12  DC  A O2     1 
ATOM   367 N N3     . DC  A 1 12 ? -12.421 10.330  -4.032  1.00 0.00 ? 12  DC  A N3     1 
ATOM   368 C C4     . DC  A 1 12 ? -13.185 9.281   -4.363  1.00 0.00 ? 12  DC  A C4     1 
ATOM   369 N N4     . DC  A 1 12 ? -12.855 8.654   -5.499  1.00 0.00 ? 12  DC  A N4     1 
ATOM   370 C C5     . DC  A 1 12 ? -14.156 8.700   -3.482  1.00 0.00 ? 12  DC  A C5     1 
ATOM   371 C C6     . DC  A 1 12 ? -14.288 9.280   -2.270  1.00 0.00 ? 12  DC  A C6     1 
ATOM   372 H "H5'"  . DC  A 1 12 ? -14.419 9.169   2.819   1.00 0.00 ? 12  DC  A "H5'"  1 
ATOM   373 H "H5''" . DC  A 1 12 ? -15.501 10.469  3.330   1.00 0.00 ? 12  DC  A "H5''" 1 
ATOM   374 H "H4'"  . DC  A 1 12 ? -13.721 11.384  2.077   1.00 0.00 ? 12  DC  A "H4'"  1 
ATOM   375 H "H3'"  . DC  A 1 12 ? -16.450 11.780  1.256   1.00 0.00 ? 12  DC  A "H3'"  1 
ATOM   376 H "HO3'" . DC  A 1 12 ? -15.575 13.812  0.707   1.00 0.00 ? 12  DC  A "HO3'" 1 
ATOM   377 H "H2'"  . DC  A 1 12 ? -15.972 10.896  -0.968  1.00 0.00 ? 12  DC  A "H2'"  1 
ATOM   378 H "H2''" . DC  A 1 12 ? -15.328 12.506  -1.263  1.00 0.00 ? 12  DC  A "H2''" 1 
ATOM   379 H "H1'"  . DC  A 1 12 ? -13.162 11.900  -0.456  1.00 0.00 ? 12  DC  A "H1'"  1 
ATOM   380 H H41    . DC  A 1 12 ? -11.986 8.953   -5.916  1.00 0.00 ? 12  DC  A H41    1 
ATOM   381 H H42    . DC  A 1 12 ? -13.178 7.701   -5.596  1.00 0.00 ? 12  DC  A H42    1 
ATOM   382 H H5     . DC  A 1 12 ? -14.774 7.842   -3.700  1.00 0.00 ? 12  DC  A H5     1 
ATOM   383 H H6     . DC  A 1 12 ? -15.014 8.862   -1.588  1.00 0.00 ? 12  DC  A H6     1 
ATOM   384 O "O5'"  . G   B 2 1  ? -3.560  13.501  -10.788 1.00 0.00 ? 101 G   B "O5'"  1 
ATOM   385 C "C5'"  . G   B 2 1  ? -4.091  14.793  -10.598 1.00 0.00 ? 101 G   B "C5'"  1 
ATOM   386 C "C4'"  . G   B 2 1  ? -5.236  14.800  -9.589  1.00 0.00 ? 101 G   B "C4'"  1 
ATOM   387 O "O4'"  . G   B 2 1  ? -6.245  13.867  -9.905  1.00 0.00 ? 101 G   B "O4'"  1 
ATOM   388 C "C3'"  . G   B 2 1  ? -4.789  14.387  -8.189  1.00 0.00 ? 101 G   B "C3'"  1 
ATOM   389 O "O3'"  . G   B 2 1  ? -4.011  15.367  -7.540  1.00 0.00 ? 101 G   B "O3'"  1 
ATOM   390 C "C2'"  . G   B 2 1  ? -6.145  14.078  -7.557  1.00 0.00 ? 101 G   B "C2'"  1 
ATOM   391 O "O2'"  . G   B 2 1  ? -6.726  15.135  -6.827  1.00 0.00 ? 101 G   B "O2'"  1 
ATOM   392 C "C1'"  . G   B 2 1  ? -7.037  13.735  -8.746  1.00 0.00 ? 101 G   B "C1'"  1 
ATOM   393 N N9     . G   B 2 1  ? -7.637  12.397  -8.586  1.00 0.00 ? 101 G   B N9     1 
ATOM   394 C C8     . G   B 2 1  ? -7.427  11.242  -9.295  1.00 0.00 ? 101 G   B C8     1 
ATOM   395 N N7     . G   B 2 1  ? -8.129  10.229  -8.869  1.00 0.00 ? 101 G   B N7     1 
ATOM   396 C C5     . G   B 2 1  ? -8.856  10.746  -7.801  1.00 0.00 ? 101 G   B C5     1 
ATOM   397 C C6     . G   B 2 1  ? -9.800  10.167  -6.914  1.00 0.00 ? 101 G   B C6     1 
ATOM   398 O O6     . G   B 2 1  ? -10.286 9.038   -6.911  1.00 0.00 ? 101 G   B O6     1 
ATOM   399 N N1     . G   B 2 1  ? -10.246 11.001  -5.899  1.00 0.00 ? 101 G   B N1     1 
ATOM   400 C C2     . G   B 2 1  ? -9.871  12.329  -5.830  1.00 0.00 ? 101 G   B C2     1 
ATOM   401 N N2     . G   B 2 1  ? -10.302 12.985  -4.744  1.00 0.00 ? 101 G   B N2     1 
ATOM   402 N N3     . G   B 2 1  ? -8.988  12.912  -6.651  1.00 0.00 ? 101 G   B N3     1 
ATOM   403 C C4     . G   B 2 1  ? -8.544  12.065  -7.609  1.00 0.00 ? 101 G   B C4     1 
ATOM   404 H "H5'"  . G   B 2 1  ? -4.459  15.158  -11.557 1.00 0.00 ? 101 G   B "H5'"  1 
ATOM   405 H "H5''" . G   B 2 1  ? -3.296  15.457  -10.257 1.00 0.00 ? 101 G   B "H5''" 1 
ATOM   406 H "H4'"  . G   B 2 1  ? -5.634  15.814  -9.548  1.00 0.00 ? 101 G   B "H4'"  1 
ATOM   407 H "H3'"  . G   B 2 1  ? -4.237  13.453  -8.294  1.00 0.00 ? 101 G   B "H3'"  1 
ATOM   408 H "H2'"  . G   B 2 1  ? -6.011  13.233  -6.882  1.00 0.00 ? 101 G   B "H2'"  1 
ATOM   409 H "HO2'" . G   B 2 1  ? -7.490  14.792  -6.358  1.00 0.00 ? 101 G   B "HO2'" 1 
ATOM   410 H "H1'"  . G   B 2 1  ? -7.866  14.438  -8.821  1.00 0.00 ? 101 G   B "H1'"  1 
ATOM   411 H H8     . G   B 2 1  ? -6.740  11.170  -10.126 1.00 0.00 ? 101 G   B H8     1 
ATOM   412 H H1     . G   B 2 1  ? -10.847 10.616  -5.183  1.00 0.00 ? 101 G   B H1     1 
ATOM   413 H H21    . G   B 2 1  ? -10.905 12.506  -4.090  1.00 0.00 ? 101 G   B H21    1 
ATOM   414 H H22    . G   B 2 1  ? -9.975  13.932  -4.624  1.00 0.00 ? 101 G   B H22    1 
ATOM   415 H "HO5'" . G   B 2 1  ? -4.263  12.936  -11.117 1.00 0.00 ? 101 G   B "HO5'" 1 
ATOM   416 P P      . C   B 2 2  ? -3.170  14.975  -6.224  1.00 0.00 ? 102 C   B P      1 
ATOM   417 O OP1    . C   B 2 2  ? -2.466  16.188  -5.752  1.00 0.00 ? 102 C   B OP1    1 
ATOM   418 O OP2    . C   B 2 2  ? -2.406  13.750  -6.547  1.00 0.00 ? 102 C   B OP2    1 
ATOM   419 O "O5'"  . C   B 2 2  ? -4.279  14.564  -5.131  1.00 0.00 ? 102 C   B "O5'"  1 
ATOM   420 C "C5'"  . C   B 2 2  ? -4.936  15.547  -4.364  1.00 0.00 ? 102 C   B "C5'"  1 
ATOM   421 C "C4'"  . C   B 2 2  ? -5.932  14.941  -3.379  1.00 0.00 ? 102 C   B "C4'"  1 
ATOM   422 O "O4'"  . C   B 2 2  ? -6.943  14.152  -3.964  1.00 0.00 ? 102 C   B "O4'"  1 
ATOM   423 C "C3'"  . C   B 2 2  ? -5.265  13.993  -2.386  1.00 0.00 ? 102 C   B "C3'"  1 
ATOM   424 O "O3'"  . C   B 2 2  ? -4.388  14.647  -1.495  1.00 0.00 ? 102 C   B "O3'"  1 
ATOM   425 C "C2'"  . C   B 2 2  ? -6.525  13.395  -1.766  1.00 0.00 ? 102 C   B "C2'"  1 
ATOM   426 O "O2'"  . C   B 2 2  ? -7.119  14.194  -0.768  1.00 0.00 ? 102 C   B "O2'"  1 
ATOM   427 C "C1'"  . C   B 2 2  ? -7.453  13.289  -2.972  1.00 0.00 ? 102 C   B "C1'"  1 
ATOM   428 N N1     . C   B 2 2  ? -7.561  11.890  -3.425  1.00 0.00 ? 102 C   B N1     1 
ATOM   429 C C2     . C   B 2 2  ? -8.423  11.057  -2.735  1.00 0.00 ? 102 C   B C2     1 
ATOM   430 O O2     . C   B 2 2  ? -8.979  11.433  -1.706  1.00 0.00 ? 102 C   B O2     1 
ATOM   431 N N3     . C   B 2 2  ? -8.680  9.790   -3.153  1.00 0.00 ? 102 C   B N3     1 
ATOM   432 C C4     . C   B 2 2  ? -7.917  9.310   -4.144  1.00 0.00 ? 102 C   B C4     1 
ATOM   433 N N4     . C   B 2 2  ? -8.363  8.167   -4.683  1.00 0.00 ? 102 C   B N4     1 
ATOM   434 C C5     . C   B 2 2  ? -6.984  10.116  -4.874  1.00 0.00 ? 102 C   B C5     1 
ATOM   435 C C6     . C   B 2 2  ? -6.834  11.395  -4.470  1.00 0.00 ? 102 C   B C6     1 
ATOM   436 H "H5'"  . C   B 2 2  ? -5.460  16.255  -5.006  1.00 0.00 ? 102 C   B "H5'"  1 
ATOM   437 H "H5''" . C   B 2 2  ? -4.201  16.107  -3.785  1.00 0.00 ? 102 C   B "H5''" 1 
ATOM   438 H "H4'"  . C   B 2 2  ? -6.377  15.770  -2.828  1.00 0.00 ? 102 C   B "H4'"  1 
ATOM   439 H "H3'"  . C   B 2 2  ? -4.747  13.223  -2.957  1.00 0.00 ? 102 C   B "H3'"  1 
ATOM   440 H "H2'"  . C   B 2 2  ? -6.299  12.421  -1.331  1.00 0.00 ? 102 C   B "H2'"  1 
ATOM   441 H "HO2'" . C   B 2 2  ? -7.821  13.686  -0.354  1.00 0.00 ? 102 C   B "HO2'" 1 
ATOM   442 H "H1'"  . C   B 2 2  ? -8.449  13.652  -2.715  1.00 0.00 ? 102 C   B "H1'"  1 
ATOM   443 H H41    . C   B 2 2  ? -9.178  7.737   -4.270  1.00 0.00 ? 102 C   B H41    1 
ATOM   444 H H42    . C   B 2 2  ? -7.982  7.853   -5.564  1.00 0.00 ? 102 C   B H42    1 
ATOM   445 H H5     . C   B 2 2  ? -6.437  9.728   -5.721  1.00 0.00 ? 102 C   B H5     1 
ATOM   446 H H6     . C   B 2 2  ? -6.119  12.029  -4.974  1.00 0.00 ? 102 C   B H6     1 
ATOM   447 P P      . G   B 2 3  ? -3.358  13.780  -0.611  1.00 0.00 ? 103 G   B P      1 
ATOM   448 O OP1    . G   B 2 3  ? -2.588  14.703  0.252   1.00 0.00 ? 103 G   B OP1    1 
ATOM   449 O OP2    . G   B 2 3  ? -2.661  12.844  -1.523  1.00 0.00 ? 103 G   B OP2    1 
ATOM   450 O "O5'"  . G   B 2 3  ? -4.326  12.896  0.323   1.00 0.00 ? 103 G   B "O5'"  1 
ATOM   451 C "C5'"  . G   B 2 3  ? -4.971  13.465  1.440   1.00 0.00 ? 103 G   B "C5'"  1 
ATOM   452 C "C4'"  . G   B 2 3  ? -5.937  12.476  2.085   1.00 0.00 ? 103 G   B "C4'"  1 
ATOM   453 O "O4'"  . G   B 2 3  ? -6.901  11.969  1.190   1.00 0.00 ? 103 G   B "O4'"  1 
ATOM   454 C "C3'"  . G   B 2 3  ? -5.223  11.247  2.639   1.00 0.00 ? 103 G   B "C3'"  1 
ATOM   455 O "O3'"  . G   B 2 3  ? -4.438  11.523  3.778   1.00 0.00 ? 103 G   B "O3'"  1 
ATOM   456 C "C2'"  . G   B 2 3  ? -6.438  10.349  2.856   1.00 0.00 ? 103 G   B "C2'"  1 
ATOM   457 O "O2'"  . G   B 2 3  ? -7.167  10.657  4.024   1.00 0.00 ? 103 G   B "O2'"  1 
ATOM   458 C "C1'"  . G   B 2 3  ? -7.268  10.677  1.617   1.00 0.00 ? 103 G   B "C1'"  1 
ATOM   459 N N9     . G   B 2 3  ? -7.027  9.685   0.551   1.00 0.00 ? 103 G   B N9     1 
ATOM   460 C C8     . G   B 2 3  ? -6.120  9.727   -0.476  1.00 0.00 ? 103 G   B C8     1 
ATOM   461 N N7     . G   B 2 3  ? -6.206  8.716   -1.296  1.00 0.00 ? 103 G   B N7     1 
ATOM   462 C C5     . G   B 2 3  ? -7.219  7.934   -0.750  1.00 0.00 ? 103 G   B C5     1 
ATOM   463 C C6     . G   B 2 3  ? -7.791  6.701   -1.157  1.00 0.00 ? 103 G   B C6     1 
ATOM   464 O O6     . G   B 2 3  ? -7.594  6.053   -2.183  1.00 0.00 ? 103 G   B O6     1 
ATOM   465 N N1     . G   B 2 3  ? -8.693  6.140   -0.262  1.00 0.00 ? 103 G   B N1     1 
ATOM   466 C C2     . G   B 2 3  ? -9.058  6.786   0.903   1.00 0.00 ? 103 G   B C2     1 
ATOM   467 N N2     . G   B 2 3  ? -9.853  6.068   1.708   1.00 0.00 ? 103 G   B N2     1 
ATOM   468 N N3     . G   B 2 3  ? -8.565  7.964   1.302   1.00 0.00 ? 103 G   B N3     1 
ATOM   469 C C4     . G   B 2 3  ? -7.676  8.481   0.421   1.00 0.00 ? 103 G   B C4     1 
ATOM   470 H "H5'"  . G   B 2 3  ? -5.526  14.359  1.155   1.00 0.00 ? 103 G   B "H5'"  1 
ATOM   471 H "H5''" . G   B 2 3  ? -4.229  13.758  2.183   1.00 0.00 ? 103 G   B "H5''" 1 
ATOM   472 H "H4'"  . G   B 2 3  ? -6.449  12.979  2.906   1.00 0.00 ? 103 G   B "H4'"  1 
ATOM   473 H "H3'"  . G   B 2 3  ? -4.603  10.823  1.848   1.00 0.00 ? 103 G   B "H3'"  1 
ATOM   474 H "H2'"  . G   B 2 3  ? -6.149  9.300   2.881   1.00 0.00 ? 103 G   B "H2'"  1 
ATOM   475 H "HO2'" . G   B 2 3  ? -7.867  10.007  4.129   1.00 0.00 ? 103 G   B "HO2'" 1 
ATOM   476 H "H1'"  . G   B 2 3  ? -8.330  10.660  1.862   1.00 0.00 ? 103 G   B "H1'"  1 
ATOM   477 H H8     . G   B 2 3  ? -5.402  10.523  -0.600  1.00 0.00 ? 103 G   B H8     1 
ATOM   478 H H1     . G   B 2 3  ? -9.106  5.246   -0.485  1.00 0.00 ? 103 G   B H1     1 
ATOM   479 H H21    . G   B 2 3  ? -10.166 5.157   1.408   1.00 0.00 ? 103 G   B H21    1 
ATOM   480 H H22    . G   B 2 3  ? -10.093 6.485   2.596   1.00 0.00 ? 103 G   B H22    1 
ATOM   481 P P      . C   B 2 4  ? -3.604  10.326  4.457   1.00 0.00 ? 104 C   B P      1 
ATOM   482 O OP1    . C   B 2 4  ? -2.767  10.878  5.547   1.00 0.00 ? 104 C   B OP1    1 
ATOM   483 O OP2    . C   B 2 4  ? -2.985  9.537   3.368   1.00 0.00 ? 104 C   B OP2    1 
ATOM   484 O "O5'"  . C   B 2 4  ? -4.740  9.397   5.117   1.00 0.00 ? 104 C   B "O5'"  1 
ATOM   485 C "C5'"  . C   B 2 4  ? -4.434  8.115   5.621   1.00 0.00 ? 104 C   B "C5'"  1 
ATOM   486 C "C4'"  . C   B 2 4  ? -5.511  7.118   5.202   1.00 0.00 ? 104 C   B "C4'"  1 
ATOM   487 O "O4'"  . C   B 2 4  ? -5.659  7.081   3.800   1.00 0.00 ? 104 C   B "O4'"  1 
ATOM   488 C "C3'"  . C   B 2 4  ? -5.124  5.692   5.583   1.00 0.00 ? 104 C   B "C3'"  1 
ATOM   489 O "O3'"  . C   B 2 4  ? -5.433  5.414   6.931   1.00 0.00 ? 104 C   B "O3'"  1 
ATOM   490 C "C2'"  . C   B 2 4  ? -5.860  4.883   4.519   1.00 0.00 ? 104 C   B "C2'"  1 
ATOM   491 O "O2'"  . C   B 2 4  ? -6.963  4.163   5.022   1.00 0.00 ? 104 C   B "O2'"  1 
ATOM   492 C "C1'"  . C   B 2 4  ? -6.313  5.880   3.455   1.00 0.00 ? 104 C   B "C1'"  1 
ATOM   493 N N1     . C   B 2 4  ? -5.978  5.426   2.092   1.00 0.00 ? 104 C   B N1     1 
ATOM   494 C C2     . C   B 2 4  ? -6.661  4.343   1.571   1.00 0.00 ? 104 C   B C2     1 
ATOM   495 O O2     . C   B 2 4  ? -7.547  3.772   2.201   1.00 0.00 ? 104 C   B O2     1 
ATOM   496 N N3     . C   B 2 4  ? -6.394  3.852   0.333   1.00 0.00 ? 104 C   B N3     1 
ATOM   497 C C4     . C   B 2 4  ? -5.358  4.385   -0.328  1.00 0.00 ? 104 C   B C4     1 
ATOM   498 N N4     . C   B 2 4  ? -5.154  3.941   -1.575  1.00 0.00 ? 104 C   B N4     1 
ATOM   499 C C5     . C   B 2 4  ? -4.596  5.491   0.173   1.00 0.00 ? 104 C   B C5     1 
ATOM   500 C C6     . C   B 2 4  ? -4.950  5.977   1.381   1.00 0.00 ? 104 C   B C6     1 
ATOM   501 H "H5'"  . C   B 2 4  ? -4.385  8.168   6.710   1.00 0.00 ? 104 C   B "H5'"  1 
ATOM   502 H "H5''" . C   B 2 4  ? -3.472  7.757   5.256   1.00 0.00 ? 104 C   B "H5''" 1 
ATOM   503 H "H4'"  . C   B 2 4  ? -6.457  7.389   5.670   1.00 0.00 ? 104 C   B "H4'"  1 
ATOM   504 H "H3'"  . C   B 2 4  ? -4.055  5.593   5.399   1.00 0.00 ? 104 C   B "H3'"  1 
ATOM   505 H "H2'"  . C   B 2 4  ? -5.123  4.225   4.057   1.00 0.00 ? 104 C   B "H2'"  1 
ATOM   506 H "HO2'" . C   B 2 4  ? -7.373  3.652   4.319   1.00 0.00 ? 104 C   B "HO2'" 1 
ATOM   507 H "H1'"  . C   B 2 4  ? -7.386  6.058   3.530   1.00 0.00 ? 104 C   B "H1'"  1 
ATOM   508 H H41    . C   B 2 4  ? -5.844  3.337   -1.998  1.00 0.00 ? 104 C   B H41    1 
ATOM   509 H H42    . C   B 2 4  ? -4.445  4.396   -2.133  1.00 0.00 ? 104 C   B H42    1 
ATOM   510 H H5     . C   B 2 4  ? -3.799  5.943   -0.399  1.00 0.00 ? 104 C   B H5     1 
ATOM   511 H H6     . C   B 2 4  ? -4.396  6.803   1.803   1.00 0.00 ? 104 C   B H6     1 
ATOM   512 P P      . A   B 2 5  ? -4.794  4.138   7.678   1.00 0.00 ? 105 A   B P      1 
ATOM   513 O OP1    . A   B 2 5  ? -5.068  4.284   9.126   1.00 0.00 ? 105 A   B OP1    1 
ATOM   514 O OP2    . A   B 2 5  ? -3.397  4.014   7.203   1.00 0.00 ? 105 A   B OP2    1 
ATOM   515 O "O5'"  . A   B 2 5  ? -5.592  2.841   7.155   1.00 0.00 ? 105 A   B "O5'"  1 
ATOM   516 C "C5'"  . A   B 2 5  ? -6.864  2.497   7.658   1.00 0.00 ? 105 A   B "C5'"  1 
ATOM   517 C "C4'"  . A   B 2 5  ? -7.423  1.261   6.959   1.00 0.00 ? 105 A   B "C4'"  1 
ATOM   518 O "O4'"  . A   B 2 5  ? -7.718  1.487   5.599   1.00 0.00 ? 105 A   B "O4'"  1 
ATOM   519 C "C3'"  . A   B 2 5  ? -6.462  0.076   6.999   1.00 0.00 ? 105 A   B "C3'"  1 
ATOM   520 O "O3'"  . A   B 2 5  ? -6.408  -0.555  8.259   1.00 0.00 ? 105 A   B "O3'"  1 
ATOM   521 C "C2'"  . A   B 2 5  ? -7.042  -0.762  5.863   1.00 0.00 ? 105 A   B "C2'"  1 
ATOM   522 O "O2'"  . A   B 2 5  ? -8.164  -1.525  6.250   1.00 0.00 ? 105 A   B "O2'"  1 
ATOM   523 C "C1'"  . A   B 2 5  ? -7.441  0.317   4.861   1.00 0.00 ? 105 A   B "C1'"  1 
ATOM   524 N N9     . A   B 2 5  ? -6.356  0.612   3.907   1.00 0.00 ? 105 A   B N9     1 
ATOM   525 C C8     . A   B 2 5  ? -5.348  1.536   4.011   1.00 0.00 ? 105 A   B C8     1 
ATOM   526 N N7     . A   B 2 5  ? -4.688  1.754   2.907   1.00 0.00 ? 105 A   B N7     1 
ATOM   527 C C5     . A   B 2 5  ? -5.248  0.825   2.036   1.00 0.00 ? 105 A   B C5     1 
ATOM   528 C C6     . A   B 2 5  ? -5.051  0.444   0.699   1.00 0.00 ? 105 A   B C6     1 
ATOM   529 N N6     . A   B 2 5  ? -4.161  1.007   -0.129  1.00 0.00 ? 105 A   B N6     1 
ATOM   530 N N1     . A   B 2 5  ? -5.697  -0.589  0.144   1.00 0.00 ? 105 A   B N1     1 
ATOM   531 C C2     . A   B 2 5  ? -6.580  -1.243  0.883   1.00 0.00 ? 105 A   B C2     1 
ATOM   532 N N3     . A   B 2 5  ? -6.907  -0.970  2.137   1.00 0.00 ? 105 A   B N3     1 
ATOM   533 C C4     . A   B 2 5  ? -6.215  0.073   2.651   1.00 0.00 ? 105 A   B C4     1 
ATOM   534 H "H5'"  . A   B 2 5  ? -7.564  3.322   7.527   1.00 0.00 ? 105 A   B "H5'"  1 
ATOM   535 H "H5''" . A   B 2 5  ? -6.785  2.276   8.722   1.00 0.00 ? 105 A   B "H5''" 1 
ATOM   536 H "H4'"  . A   B 2 5  ? -8.350  0.968   7.452   1.00 0.00 ? 105 A   B "H4'"  1 
ATOM   537 H "H3'"  . A   B 2 5  ? -5.468  0.413   6.703   1.00 0.00 ? 105 A   B "H3'"  1 
ATOM   538 H "H2'"  . A   B 2 5  ? -6.283  -1.422  5.443   1.00 0.00 ? 105 A   B "H2'"  1 
ATOM   539 H "HO2'" . A   B 2 5  ? -8.234  -2.283  5.665   1.00 0.00 ? 105 A   B "HO2'" 1 
ATOM   540 H "H1'"  . A   B 2 5  ? -8.332  0.012   4.313   1.00 0.00 ? 105 A   B "H1'"  1 
ATOM   541 H H8     . A   B 2 5  ? -5.148  2.072   4.926   1.00 0.00 ? 105 A   B H8     1 
ATOM   542 H H61    . A   B 2 5  ? -4.181  0.729   -1.100  1.00 0.00 ? 105 A   B H61    1 
ATOM   543 H H62    . A   B 2 5  ? -3.534  1.722   0.214   1.00 0.00 ? 105 A   B H62    1 
ATOM   544 H H2     . A   B 2 5  ? -7.092  -2.064  0.404   1.00 0.00 ? 105 A   B H2     1 
ATOM   545 P P      . A   B 2 6  ? -5.379  -1.770  8.491   1.00 0.00 ? 106 A   B P      1 
ATOM   546 O OP1    . A   B 2 6  ? -5.475  -2.220  9.898   1.00 0.00 ? 106 A   B OP1    1 
ATOM   547 O OP2    . A   B 2 6  ? -4.072  -1.357  7.930   1.00 0.00 ? 106 A   B OP2    1 
ATOM   548 O "O5'"  . A   B 2 6  ? -5.925  -2.957  7.550   1.00 0.00 ? 106 A   B "O5'"  1 
ATOM   549 C "C5'"  . A   B 2 6  ? -5.129  -4.077  7.235   1.00 0.00 ? 106 A   B "C5'"  1 
ATOM   550 C "C4'"  . A   B 2 6  ? -5.625  -4.754  5.960   1.00 0.00 ? 106 A   B "C4'"  1 
ATOM   551 O "O4'"  . A   B 2 6  ? -6.048  -3.803  5.009   1.00 0.00 ? 106 A   B "O4'"  1 
ATOM   552 C "C3'"  . A   B 2 6  ? -4.552  -5.618  5.305   1.00 0.00 ? 106 A   B "C3'"  1 
ATOM   553 O "O3'"  . A   B 2 6  ? -4.529  -6.924  5.836   1.00 0.00 ? 106 A   B "O3'"  1 
ATOM   554 C "C2'"  . A   B 2 6  ? -4.938  -5.503  3.833   1.00 0.00 ? 106 A   B "C2'"  1 
ATOM   555 O "O2'"  . A   B 2 6  ? -5.934  -6.419  3.434   1.00 0.00 ? 106 A   B "O2'"  1 
ATOM   556 C "C1'"  . A   B 2 6  ? -5.465  -4.073  3.754   1.00 0.00 ? 106 A   B "C1'"  1 
ATOM   557 N N9     . A   B 2 6  ? -4.408  -3.081  3.475   1.00 0.00 ? 106 A   B N9     1 
ATOM   558 C C8     . A   B 2 6  ? -3.826  -2.164  4.311   1.00 0.00 ? 106 A   B C8     1 
ATOM   559 N N7     . A   B 2 6  ? -2.971  -1.367  3.733   1.00 0.00 ? 106 A   B N7     1 
ATOM   560 C C5     . A   B 2 6  ? -2.982  -1.802  2.412   1.00 0.00 ? 106 A   B C5     1 
ATOM   561 C C6     . A   B 2 6  ? -2.327  -1.450  1.221   1.00 0.00 ? 106 A   B C6     1 
ATOM   562 N N6     . A   B 2 6  ? -1.433  -0.459  1.103   1.00 0.00 ? 106 A   B N6     1 
ATOM   563 N N1     . A   B 2 6  ? -2.572  -2.079  0.065   1.00 0.00 ? 106 A   B N1     1 
ATOM   564 C C2     . A   B 2 6  ? -3.458  -3.064  0.053   1.00 0.00 ? 106 A   B C2     1 
ATOM   565 N N3     . A   B 2 6  ? -4.135  -3.515  1.098   1.00 0.00 ? 106 A   B N3     1 
ATOM   566 C C4     . A   B 2 6  ? -3.856  -2.843  2.240   1.00 0.00 ? 106 A   B C4     1 
ATOM   567 H "H5'"  . A   B 2 6  ? -5.139  -4.789  8.061   1.00 0.00 ? 106 A   B "H5'"  1 
ATOM   568 H "H5''" . A   B 2 6  ? -4.098  -3.762  7.074   1.00 0.00 ? 106 A   B "H5''" 1 
ATOM   569 H "H4'"  . A   B 2 6  ? -6.493  -5.370  6.194   1.00 0.00 ? 106 A   B "H4'"  1 
ATOM   570 H "H3'"  . A   B 2 6  ? -3.588  -5.124  5.428   1.00 0.00 ? 106 A   B "H3'"  1 
ATOM   571 H "H2'"  . A   B 2 6  ? -4.072  -5.627  3.182   1.00 0.00 ? 106 A   B "H2'"  1 
ATOM   572 H "HO2'" . A   B 2 6  ? -5.998  -6.394  2.476   1.00 0.00 ? 106 A   B "HO2'" 1 
ATOM   573 H "H1'"  . A   B 2 6  ? -6.233  -3.995  2.985   1.00 0.00 ? 106 A   B "H1'"  1 
ATOM   574 H H8     . A   B 2 6  ? -4.052  -2.086  5.364   1.00 0.00 ? 106 A   B H8     1 
ATOM   575 H H61    . A   B 2 6  ? -0.915  -0.330  0.245   1.00 0.00 ? 106 A   B H61    1 
ATOM   576 H H62    . A   B 2 6  ? -1.222  0.080   1.931   1.00 0.00 ? 106 A   B H62    1 
ATOM   577 H H2     . A   B 2 6  ? -3.646  -3.565  -0.885  1.00 0.00 ? 106 A   B H2     1 
ATOM   578 P P      . A   B 2 7  ? -3.242  -7.871  5.648   1.00 0.00 ? 107 A   B P      1 
ATOM   579 O OP1    . A   B 2 7  ? -3.556  -9.209  6.199   1.00 0.00 ? 107 A   B OP1    1 
ATOM   580 O OP2    . A   B 2 7  ? -2.079  -7.108  6.155   1.00 0.00 ? 107 A   B OP2    1 
ATOM   581 O "O5'"  . A   B 2 7  ? -3.044  -8.016  4.057   1.00 0.00 ? 107 A   B "O5'"  1 
ATOM   582 C "C5'"  . A   B 2 7  ? -3.826  -8.904  3.289   1.00 0.00 ? 107 A   B "C5'"  1 
ATOM   583 C "C4'"  . A   B 2 7  ? -3.566  -8.695  1.800   1.00 0.00 ? 107 A   B "C4'"  1 
ATOM   584 O "O4'"  . A   B 2 7  ? -3.691  -7.344  1.415   1.00 0.00 ? 107 A   B "O4'"  1 
ATOM   585 C "C3'"  . A   B 2 7  ? -2.177  -9.134  1.346   1.00 0.00 ? 107 A   B "C3'"  1 
ATOM   586 O "O3'"  . A   B 2 7  ? -1.988  -10.528 1.255   1.00 0.00 ? 107 A   B "O3'"  1 
ATOM   587 C "C2'"  . A   B 2 7  ? -2.180  -8.418  -0.002  1.00 0.00 ? 107 A   B "C2'"  1 
ATOM   588 O "O2'"  . A   B 2 7  ? -3.024  -9.026  -0.955  1.00 0.00 ? 107 A   B "O2'"  1 
ATOM   589 C "C1'"  . A   B 2 7  ? -2.719  -7.059  0.435   1.00 0.00 ? 107 A   B "C1'"  1 
ATOM   590 N N9     . A   B 2 7  ? -1.691  -6.127  0.934   1.00 0.00 ? 107 A   B N9     1 
ATOM   591 C C8     . A   B 2 7  ? -1.258  -5.877  2.212   1.00 0.00 ? 107 A   B C8     1 
ATOM   592 N N7     . A   B 2 7  ? -0.455  -4.857  2.330   1.00 0.00 ? 107 A   B N7     1 
ATOM   593 C C5     . A   B 2 7  ? -0.308  -4.428  1.015   1.00 0.00 ? 107 A   B C5     1 
ATOM   594 C C6     . A   B 2 7  ? 0.436   -3.446  0.341   1.00 0.00 ? 107 A   B C6     1 
ATOM   595 N N6     . A   B 2 7  ? 1.291   -2.609  0.945   1.00 0.00 ? 107 A   B N6     1 
ATOM   596 N N1     . A   B 2 7  ? 0.416   -3.310  -0.991  1.00 0.00 ? 107 A   B N1     1 
ATOM   597 C C2     . A   B 2 7  ? -0.353  -4.133  -1.685  1.00 0.00 ? 107 A   B C2     1 
ATOM   598 N N3     . A   B 2 7  ? -1.094  -5.116  -1.196  1.00 0.00 ? 107 A   B N3     1 
ATOM   599 C C4     . A   B 2 7  ? -1.031  -5.211  0.152   1.00 0.00 ? 107 A   B C4     1 
ATOM   600 H "H5'"  . A   B 2 7  ? -4.886  -8.740  3.481   1.00 0.00 ? 107 A   B "H5'"  1 
ATOM   601 H "H5''" . A   B 2 7  ? -3.587  -9.935  3.551   1.00 0.00 ? 107 A   B "H5''" 1 
ATOM   602 H "H4'"  . A   B 2 7  ? -4.305  -9.276  1.250   1.00 0.00 ? 107 A   B "H4'"  1 
ATOM   603 H "H3'"  . A   B 2 7  ? -1.437  -8.687  2.011   1.00 0.00 ? 107 A   B "H3'"  1 
ATOM   604 H "H2'"  . A   B 2 7  ? -1.199  -8.301  -0.463  1.00 0.00 ? 107 A   B "H2'"  1 
ATOM   605 H "HO2'" . A   B 2 7  ? -3.021  -8.494  -1.753  1.00 0.00 ? 107 A   B "HO2'" 1 
ATOM   606 H "H1'"  . A   B 2 7  ? -3.126  -6.601  -0.467  1.00 0.00 ? 107 A   B "H1'"  1 
ATOM   607 H H8     . A   B 2 7  ? -1.537  -6.463  3.076   1.00 0.00 ? 107 A   B H8     1 
ATOM   608 H H61    . A   B 2 7  ? 1.918   -2.053  0.381   1.00 0.00 ? 107 A   B H61    1 
ATOM   609 H H62    . A   B 2 7  ? 1.379   -2.665  1.950   1.00 0.00 ? 107 A   B H62    1 
ATOM   610 H H2     . A   B 2 7  ? -0.373  -4.012  -2.758  1.00 0.00 ? 107 A   B H2     1 
ATOM   611 P P      . A   B 2 8  ? -0.501  -11.109 1.044   1.00 0.00 ? 108 A   B P      1 
ATOM   612 O OP1    . A   B 2 8  ? -0.596  -12.567 0.814   1.00 0.00 ? 108 A   B OP1    1 
ATOM   613 O OP2    . A   B 2 8  ? 0.330   -10.573 2.146   1.00 0.00 ? 108 A   B OP2    1 
ATOM   614 O "O5'"  . A   B 2 8  ? 0.025   -10.411 -0.308  1.00 0.00 ? 108 A   B "O5'"  1 
ATOM   615 C "C5'"  . A   B 2 8  ? -0.393  -10.844 -1.583  1.00 0.00 ? 108 A   B "C5'"  1 
ATOM   616 C "C4'"  . A   B 2 8  ? 0.257   -9.994  -2.670  1.00 0.00 ? 108 A   B "C4'"  1 
ATOM   617 O "O4'"  . A   B 2 8  ? 0.001   -8.614  -2.546  1.00 0.00 ? 108 A   B "O4'"  1 
ATOM   618 C "C3'"  . A   B 2 8  ? 1.772   -10.172 -2.635  1.00 0.00 ? 108 A   B "C3'"  1 
ATOM   619 O "O3'"  . A   B 2 8  ? 2.134   -11.391 -3.248  1.00 0.00 ? 108 A   B "O3'"  1 
ATOM   620 C "C2'"  . A   B 2 8  ? 2.195   -8.895  -3.355  1.00 0.00 ? 108 A   B "C2'"  1 
ATOM   621 O "O2'"  . A   B 2 8  ? 2.198   -9.044  -4.757  1.00 0.00 ? 108 A   B "O2'"  1 
ATOM   622 C "C1'"  . A   B 2 8  ? 1.138   -7.877  -2.936  1.00 0.00 ? 108 A   B "C1'"  1 
ATOM   623 N N9     . A   B 2 8  ? 1.597   -7.085  -1.780  1.00 0.00 ? 108 A   B N9     1 
ATOM   624 C C8     . A   B 2 8  ? 1.481   -7.258  -0.425  1.00 0.00 ? 108 A   B C8     1 
ATOM   625 N N7     . A   B 2 8  ? 2.167   -6.407  0.288   1.00 0.00 ? 108 A   B N7     1 
ATOM   626 C C5     . A   B 2 8  ? 2.731   -5.567  -0.668  1.00 0.00 ? 108 A   B C5     1 
ATOM   627 C C6     . A   B 2 8  ? 3.508   -4.398  -0.660  1.00 0.00 ? 108 A   B C6     1 
ATOM   628 N N6     . A   B 2 8  ? 3.983   -3.818  0.451   1.00 0.00 ? 108 A   B N6     1 
ATOM   629 N N1     . A   B 2 8  ? 3.791   -3.717  -1.778  1.00 0.00 ? 108 A   B N1     1 
ATOM   630 C C2     . A   B 2 8  ? 3.355   -4.211  -2.927  1.00 0.00 ? 108 A   B C2     1 
ATOM   631 N N3     . A   B 2 8  ? 2.660   -5.326  -3.092  1.00 0.00 ? 108 A   B N3     1 
ATOM   632 C C4     . A   B 2 8  ? 2.353   -5.946  -1.929  1.00 0.00 ? 108 A   B C4     1 
ATOM   633 H "H5'"  . A   B 2 8  ? -1.478  -10.788 -1.683  1.00 0.00 ? 108 A   B "H5'"  1 
ATOM   634 H "H5''" . A   B 2 8  ? -0.100  -11.882 -1.735  1.00 0.00 ? 108 A   B "H5''" 1 
ATOM   635 H "H4'"  . A   B 2 8  ? -0.109  -10.315 -3.646  1.00 0.00 ? 108 A   B "H4'"  1 
ATOM   636 H "H3'"  . A   B 2 8  ? 2.116   -10.121 -1.602  1.00 0.00 ? 108 A   B "H3'"  1 
ATOM   637 H "H2'"  . A   B 2 8  ? 3.194   -8.606  -3.030  1.00 0.00 ? 108 A   B "H2'"  1 
ATOM   638 H "HO2'" . A   B 2 8  ? 2.644   -8.284  -5.139  1.00 0.00 ? 108 A   B "HO2'" 1 
ATOM   639 H "H1'"  . A   B 2 8  ? 0.923   -7.289  -3.828  1.00 0.00 ? 108 A   B "H1'"  1 
ATOM   640 H H8     . A   B 2 8  ? 0.916   -7.957  0.174   1.00 0.00 ? 108 A   B H8     1 
ATOM   641 H H61    . A   B 2 8  ? 4.429   -2.913  0.397   1.00 0.00 ? 108 A   B H61    1 
ATOM   642 H H62    . A   B 2 8  ? 3.843   -4.294  1.331   1.00 0.00 ? 108 A   B H62    1 
ATOM   643 H H2     . A   B 2 8  ? 3.572   -3.637  -3.816  1.00 0.00 ? 108 A   B H2     1 
ATOM   644 P P      . C   B 2 9  ? 3.610   -12.005 -3.060  1.00 0.00 ? 109 C   B P      1 
ATOM   645 O OP1    . C   B 2 9  ? 3.703   -13.244 -3.865  1.00 0.00 ? 109 C   B OP1    1 
ATOM   646 O OP2    . C   B 2 9  ? 3.894   -12.031 -1.608  1.00 0.00 ? 109 C   B OP2    1 
ATOM   647 O "O5'"  . C   B 2 9  ? 4.585   -10.904 -3.714  1.00 0.00 ? 109 C   B "O5'"  1 
ATOM   648 C "C5'"  . C   B 2 9  ? 4.727   -10.773 -5.111  1.00 0.00 ? 109 C   B "C5'"  1 
ATOM   649 C "C4'"  . C   B 2 9  ? 5.486   -9.492  -5.444  1.00 0.00 ? 109 C   B "C4'"  1 
ATOM   650 O "O4'"  . C   B 2 9  ? 4.958   -8.350  -4.806  1.00 0.00 ? 109 C   B "O4'"  1 
ATOM   651 C "C3'"  . C   B 2 9  ? 6.955   -9.558  -5.032  1.00 0.00 ? 109 C   B "C3'"  1 
ATOM   652 O "O3'"  . C   B 2 9  ? 7.736   -10.369 -5.880  1.00 0.00 ? 109 C   B "O3'"  1 
ATOM   653 C "C2'"  . C   B 2 9  ? 7.250   -8.064  -5.126  1.00 0.00 ? 109 C   B "C2'"  1 
ATOM   654 O "O2'"  . C   B 2 9  ? 7.402   -7.623  -6.457  1.00 0.00 ? 109 C   B "O2'"  1 
ATOM   655 C "C1'"  . C   B 2 9  ? 6.006   -7.468  -4.474  1.00 0.00 ? 109 C   B "C1'"  1 
ATOM   656 N N1     . C   B 2 9  ? 6.082   -7.279  -3.013  1.00 0.00 ? 109 C   B N1     1 
ATOM   657 C C2     . C   B 2 9  ? 6.458   -6.019  -2.585  1.00 0.00 ? 109 C   B C2     1 
ATOM   658 O O2     . C   B 2 9  ? 6.923   -5.201  -3.376  1.00 0.00 ? 109 C   B O2     1 
ATOM   659 N N3     . C   B 2 9  ? 6.393   -5.625  -1.287  1.00 0.00 ? 109 C   B N3     1 
ATOM   660 C C4     . C   B 2 9  ? 6.029   -6.563  -0.402  1.00 0.00 ? 109 C   B C4     1 
ATOM   661 N N4     . C   B 2 9  ? 5.999   -6.167  0.878   1.00 0.00 ? 109 C   B N4     1 
ATOM   662 C C5     . C   B 2 9  ? 5.714   -7.912  -0.766  1.00 0.00 ? 109 C   B C5     1 
ATOM   663 C C6     . C   B 2 9  ? 5.761   -8.221  -2.080  1.00 0.00 ? 109 C   B C6     1 
ATOM   664 H "H5'"  . C   B 2 9  ? 3.755   -10.744 -5.604  1.00 0.00 ? 109 C   B "H5'"  1 
ATOM   665 H "H5''" . C   B 2 9  ? 5.275   -11.628 -5.507  1.00 0.00 ? 109 C   B "H5''" 1 
ATOM   666 H "H4'"  . C   B 2 9  ? 5.438   -9.338  -6.522  1.00 0.00 ? 109 C   B "H4'"  1 
ATOM   667 H "H3'"  . C   B 2 9  ? 7.017   -9.887  -3.994  1.00 0.00 ? 109 C   B "H3'"  1 
ATOM   668 H "H2'"  . C   B 2 9  ? 8.155   -7.752  -4.606  1.00 0.00 ? 109 C   B "H2'"  1 
ATOM   669 H "HO2'" . C   B 2 9  ? 7.638   -6.692  -6.449  1.00 0.00 ? 109 C   B "HO2'" 1 
ATOM   670 H "H1'"  . C   B 2 9  ? 5.875   -6.520  -4.998  1.00 0.00 ? 109 C   B "H1'"  1 
ATOM   671 H H41    . C   B 2 9  ? 6.262   -5.207  1.047   1.00 0.00 ? 109 C   B H41    1 
ATOM   672 H H42    . C   B 2 9  ? 5.989   -6.872  1.602   1.00 0.00 ? 109 C   B H42    1 
ATOM   673 H H5     . C   B 2 9  ? 5.481   -8.655  -0.016  1.00 0.00 ? 109 C   B H5     1 
ATOM   674 H H6     . C   B 2 9  ? 5.535   -9.260  -2.272  1.00 0.00 ? 109 C   B H6     1 
ATOM   675 P P      . G   B 2 10 ? 9.175   -10.891 -5.382  1.00 0.00 ? 110 G   B P      1 
ATOM   676 O OP1    . G   B 2 10 ? 9.896   -11.465 -6.540  1.00 0.00 ? 110 G   B OP1    1 
ATOM   677 O OP2    . G   B 2 10 ? 8.942   -11.696 -4.162  1.00 0.00 ? 110 G   B OP2    1 
ATOM   678 O "O5'"  . G   B 2 10 ? 9.927   -9.545  -4.919  1.00 0.00 ? 110 G   B "O5'"  1 
ATOM   679 C "C5'"  . G   B 2 10 ? 10.574  -8.702  -5.845  1.00 0.00 ? 110 G   B "C5'"  1 
ATOM   680 C "C4'"  . G   B 2 10 ? 11.235  -7.525  -5.133  1.00 0.00 ? 110 G   B "C4'"  1 
ATOM   681 O "O4'"  . G   B 2 10 ? 10.317  -6.735  -4.410  1.00 0.00 ? 110 G   B "O4'"  1 
ATOM   682 C "C3'"  . G   B 2 10 ? 12.280  -8.004  -4.131  1.00 0.00 ? 110 G   B "C3'"  1 
ATOM   683 O "O3'"  . G   B 2 10 ? 13.465  -8.398  -4.785  1.00 0.00 ? 110 G   B "O3'"  1 
ATOM   684 C "C2'"  . G   B 2 10 ? 12.380  -6.762  -3.250  1.00 0.00 ? 110 G   B "C2'"  1 
ATOM   685 O "O2'"  . G   B 2 10 ? 13.303  -5.803  -3.716  1.00 0.00 ? 110 G   B "O2'"  1 
ATOM   686 C "C1'"  . G   B 2 10 ? 10.961  -6.201  -3.276  1.00 0.00 ? 110 G   B "C1'"  1 
ATOM   687 N N9     . G   B 2 10 ? 10.215  -6.556  -2.054  1.00 0.00 ? 110 G   B N9     1 
ATOM   688 C C8     . G   B 2 10 ? 9.301   -7.560  -1.858  1.00 0.00 ? 110 G   B C8     1 
ATOM   689 N N7     . G   B 2 10 ? 8.825   -7.619  -0.646  1.00 0.00 ? 110 G   B N7     1 
ATOM   690 C C5     . G   B 2 10 ? 9.439   -6.553  0.002   1.00 0.00 ? 110 G   B C5     1 
ATOM   691 C C6     . G   B 2 10 ? 9.314   -6.040  1.320   1.00 0.00 ? 110 G   B C6     1 
ATOM   692 O O6     . G   B 2 10 ? 8.596   -6.435  2.235   1.00 0.00 ? 110 G   B O6     1 
ATOM   693 N N1     . G   B 2 10 ? 10.119  -4.947  1.610   1.00 0.00 ? 110 G   B N1     1 
ATOM   694 C C2     . G   B 2 10 ? 10.976  -4.410  0.670   1.00 0.00 ? 110 G   B C2     1 
ATOM   695 N N2     . G   B 2 10 ? 11.784  -3.435  1.110   1.00 0.00 ? 110 G   B N2     1 
ATOM   696 N N3     . G   B 2 10 ? 11.136  -4.876  -0.576  1.00 0.00 ? 110 G   B N3     1 
ATOM   697 C C4     . G   B 2 10 ? 10.314  -5.918  -0.841  1.00 0.00 ? 110 G   B C4     1 
ATOM   698 H "H5'"  . G   B 2 10 ? 9.866   -8.321  -6.579  1.00 0.00 ? 110 G   B "H5'"  1 
ATOM   699 H "H5''" . G   B 2 10 ? 11.349  -9.256  -6.375  1.00 0.00 ? 110 G   B "H5''" 1 
ATOM   700 H "H4'"  . G   B 2 10 ? 11.725  -6.888  -5.870  1.00 0.00 ? 110 G   B "H4'"  1 
ATOM   701 H "H3'"  . G   B 2 10 ? 11.855  -8.814  -3.537  1.00 0.00 ? 110 G   B "H3'"  1 
ATOM   702 H "H2'"  . G   B 2 10 ? 12.650  -7.056  -2.236  1.00 0.00 ? 110 G   B "H2'"  1 
ATOM   703 H "HO2'" . G   B 2 10 ? 13.457  -5.166  -3.015  1.00 0.00 ? 110 G   B "HO2'" 1 
ATOM   704 H "H1'"  . G   B 2 10 ? 10.985  -5.113  -3.340  1.00 0.00 ? 110 G   B "H1'"  1 
ATOM   705 H H8     . G   B 2 10 ? 8.987   -8.234  -2.641  1.00 0.00 ? 110 G   B H8     1 
ATOM   706 H H1     . G   B 2 10 ? 10.106  -4.548  2.538   1.00 0.00 ? 110 G   B H1     1 
ATOM   707 H H21    . G   B 2 10 ? 11.678  -3.106  2.059   1.00 0.00 ? 110 G   B H21    1 
ATOM   708 H H22    . G   B 2 10 ? 12.430  -3.041  0.442   1.00 0.00 ? 110 G   B H22    1 
ATOM   709 P P      . C   B 2 11 ? 14.562  -9.298  -4.024  1.00 0.00 ? 111 C   B P      1 
ATOM   710 O OP1    . C   B 2 11 ? 15.720  -9.481  -4.928  1.00 0.00 ? 111 C   B OP1    1 
ATOM   711 O OP2    . C   B 2 11 ? 13.854  -10.472 -3.465  1.00 0.00 ? 111 C   B OP2    1 
ATOM   712 O "O5'"  . C   B 2 11 ? 15.020  -8.385  -2.780  1.00 0.00 ? 111 C   B "O5'"  1 
ATOM   713 C "C5'"  . C   B 2 11 ? 15.967  -7.353  -2.942  1.00 0.00 ? 111 C   B "C5'"  1 
ATOM   714 C "C4'"  . C   B 2 11 ? 16.128  -6.543  -1.658  1.00 0.00 ? 111 C   B "C4'"  1 
ATOM   715 O "O4'"  . C   B 2 11 ? 14.908  -6.033  -1.171  1.00 0.00 ? 111 C   B "O4'"  1 
ATOM   716 C "C3'"  . C   B 2 11 ? 16.697  -7.370  -0.509  1.00 0.00 ? 111 C   B "C3'"  1 
ATOM   717 O "O3'"  . C   B 2 11 ? 18.064  -7.681  -0.663  1.00 0.00 ? 111 C   B "O3'"  1 
ATOM   718 C "C2'"  . C   B 2 11 ? 16.374  -6.417  0.639   1.00 0.00 ? 111 C   B "C2'"  1 
ATOM   719 O "O2'"  . C   B 2 11 ? 17.304  -5.368  0.792   1.00 0.00 ? 111 C   B "O2'"  1 
ATOM   720 C "C1'"  . C   B 2 11 ? 15.014  -5.863  0.225   1.00 0.00 ? 111 C   B "C1'"  1 
ATOM   721 N N1     . C   B 2 11 ? 13.930  -6.548  0.953   1.00 0.00 ? 111 C   B N1     1 
ATOM   722 C C2     . C   B 2 11 ? 13.634  -6.116  2.233   1.00 0.00 ? 111 C   B C2     1 
ATOM   723 O O2     . C   B 2 11 ? 14.332  -5.258  2.770   1.00 0.00 ? 111 C   B O2     1 
ATOM   724 N N3     . C   B 2 11 ? 12.597  -6.621  2.949   1.00 0.00 ? 111 C   B N3     1 
ATOM   725 C C4     . C   B 2 11 ? 11.967  -7.675  2.414   1.00 0.00 ? 111 C   B C4     1 
ATOM   726 N N4     . C   B 2 11 ? 10.868  -8.086  3.060   1.00 0.00 ? 111 C   B N4     1 
ATOM   727 C C5     . C   B 2 11 ? 12.237  -8.184  1.102   1.00 0.00 ? 111 C   B C5     1 
ATOM   728 C C6     . C   B 2 11 ? 13.249  -7.605  0.421   1.00 0.00 ? 111 C   B C6     1 
ATOM   729 H "H5'"  . C   B 2 11 ? 15.667  -6.677  -3.743  1.00 0.00 ? 111 C   B "H5'"  1 
ATOM   730 H "H5''" . C   B 2 11 ? 16.934  -7.779  -3.208  1.00 0.00 ? 111 C   B "H5''" 1 
ATOM   731 H "H4'"  . C   B 2 11 ? 16.807  -5.714  -1.858  1.00 0.00 ? 111 C   B "H4'"  1 
ATOM   732 H "H3'"  . C   B 2 11 ? 16.095  -8.272  -0.409  1.00 0.00 ? 111 C   B "H3'"  1 
ATOM   733 H "H2'"  . C   B 2 11 ? 16.317  -6.969  1.578   1.00 0.00 ? 111 C   B "H2'"  1 
ATOM   734 H "HO2'" . C   B 2 11 ? 17.134  -4.940  1.635   1.00 0.00 ? 111 C   B "HO2'" 1 
ATOM   735 H "H1'"  . C   B 2 11 ? 14.967  -4.790  0.413   1.00 0.00 ? 111 C   B "H1'"  1 
ATOM   736 H H41    . C   B 2 11 ? 10.614  -7.580  3.897   1.00 0.00 ? 111 C   B H41    1 
ATOM   737 H H42    . C   B 2 11 ? 10.277  -8.781  2.626   1.00 0.00 ? 111 C   B H42    1 
ATOM   738 H H5     . C   B 2 11 ? 11.655  -8.976  0.651   1.00 0.00 ? 111 C   B H5     1 
ATOM   739 H H6     . C   B 2 11 ? 13.535  -8.015  -0.536  1.00 0.00 ? 111 C   B H6     1 
ATOM   740 P P      . G   B 2 12 ? 18.750  -8.778  0.294   1.00 0.00 ? 112 G   B P      1 
ATOM   741 O OP1    . G   B 2 12 ? 20.195  -8.834  -0.022  1.00 0.00 ? 112 G   B OP1    1 
ATOM   742 O OP2    . G   B 2 12 ? 17.919  -10.000 0.220   1.00 0.00 ? 112 G   B OP2    1 
ATOM   743 O "O5'"  . G   B 2 12 ? 18.578  -8.184  1.781   1.00 0.00 ? 112 G   B "O5'"  1 
ATOM   744 C "C5'"  . G   B 2 12 ? 19.438  -7.182  2.276   1.00 0.00 ? 112 G   B "C5'"  1 
ATOM   745 C "C4'"  . G   B 2 12 ? 18.961  -6.671  3.633   1.00 0.00 ? 112 G   B "C4'"  1 
ATOM   746 O "O4'"  . G   B 2 12 ? 17.621  -6.231  3.618   1.00 0.00 ? 112 G   B "O4'"  1 
ATOM   747 C "C3'"  . G   B 2 12 ? 19.042  -7.733  4.725   1.00 0.00 ? 112 G   B "C3'"  1 
ATOM   748 O "O3'"  . G   B 2 12 ? 20.352  -7.935  5.205   1.00 0.00 ? 112 G   B "O3'"  1 
ATOM   749 C "C2'"  . G   B 2 12 ? 18.101  -7.124  5.761   1.00 0.00 ? 112 G   B "C2'"  1 
ATOM   750 O "O2'"  . G   B 2 12 ? 18.719  -6.129  6.546   1.00 0.00 ? 112 G   B "O2'"  1 
ATOM   751 C "C1'"  . G   B 2 12 ? 17.027  -6.519  4.863   1.00 0.00 ? 112 G   B "C1'"  1 
ATOM   752 N N9     . G   B 2 12 ? 15.911  -7.466  4.680   1.00 0.00 ? 112 G   B N9     1 
ATOM   753 C C8     . G   B 2 12 ? 15.773  -8.482  3.770   1.00 0.00 ? 112 G   B C8     1 
ATOM   754 N N7     . G   B 2 12 ? 14.668  -9.163  3.895   1.00 0.00 ? 112 G   B N7     1 
ATOM   755 C C5     . G   B 2 12 ? 14.045  -8.580  4.994   1.00 0.00 ? 112 G   B C5     1 
ATOM   756 C C6     . G   B 2 12 ? 12.842  -8.894  5.678   1.00 0.00 ? 112 G   B C6     1 
ATOM   757 O O6     . G   B 2 12 ? 12.025  -9.783  5.446   1.00 0.00 ? 112 G   B O6     1 
ATOM   758 N N1     . G   B 2 12 ? 12.564  -8.095  6.779   1.00 0.00 ? 112 G   B N1     1 
ATOM   759 C C2     . G   B 2 12 ? 13.410  -7.078  7.173   1.00 0.00 ? 112 G   B C2     1 
ATOM   760 N N2     . G   B 2 12 ? 13.007  -6.379  8.243   1.00 0.00 ? 112 G   B N2     1 
ATOM   761 N N3     . G   B 2 12 ? 14.560  -6.765  6.563   1.00 0.00 ? 112 G   B N3     1 
ATOM   762 C C4     . G   B 2 12 ? 14.800  -7.547  5.485   1.00 0.00 ? 112 G   B C4     1 
ATOM   763 H "H5'"  . G   B 2 12 ? 19.485  -6.338  1.586   1.00 0.00 ? 112 G   B "H5'"  1 
ATOM   764 H "H5''" . G   B 2 12 ? 20.445  -7.582  2.388   1.00 0.00 ? 112 G   B "H5''" 1 
ATOM   765 H "H4'"  . G   B 2 12 ? 19.590  -5.830  3.927   1.00 0.00 ? 112 G   B "H4'"  1 
ATOM   766 H "H3'"  . G   B 2 12 ? 18.637  -8.680  4.368   1.00 0.00 ? 112 G   B "H3'"  1 
ATOM   767 H "HO3'" . G   B 2 12 ? 20.525  -7.238  5.842   1.00 0.00 ? 112 G   B "HO3'" 1 
ATOM   768 H "H2'"  . G   B 2 12 ? 17.714  -7.893  6.431   1.00 0.00 ? 112 G   B "H2'"  1 
ATOM   769 H "HO2'" . G   B 2 12 ? 18.066  -5.762  7.146   1.00 0.00 ? 112 G   B "HO2'" 1 
ATOM   770 H "H1'"  . G   B 2 12 ? 16.639  -5.592  5.286   1.00 0.00 ? 112 G   B "H1'"  1 
ATOM   771 H H8     . G   B 2 12 ? 16.507  -8.716  3.013   1.00 0.00 ? 112 G   B H8     1 
ATOM   772 H H1     . G   B 2 12 ? 11.709  -8.263  7.291   1.00 0.00 ? 112 G   B H1     1 
ATOM   773 H H21    . G   B 2 12 ? 12.107  -6.601  8.642   1.00 0.00 ? 112 G   B H21    1 
ATOM   774 H H22    . G   B 2 12 ? 13.526  -5.538  8.457   1.00 0.00 ? 112 G   B H22    1 
# 
